data_1W5B
#
_entry.id   1W5B
#
_cell.length_a   70.303
_cell.length_b   55.203
_cell.length_c   88.129
_cell.angle_alpha   90.00
_cell.angle_beta   90.97
_cell.angle_gamma   90.00
#
_symmetry.space_group_name_H-M   'P 1 21 1'
#
loop_
_entity.id
_entity.type
_entity.pdbx_description
1 polymer 'CELL DIVISION PROTEIN FTSZ HOMOLOG 1'
2 non-polymer "GUANOSINE-5'-TRIPHOSPHATE"
3 water water
#
_entity_poly.entity_id   1
_entity_poly.type   'polypeptide(L)'
_entity_poly.pdbx_seq_one_letter_code
;MKFLKNVLEEGSKLEEFNELELSPEDKELLEYLQQTKAKITVVGCGGAGNNTITRLKMEGIEGAKTVAINTDAQQLIRTK
ADKKILIGKKLTRGLGAGGNPKIGEEAAKESAEEIKAAIQDSDMVFITCGLGGGTGTGSAPVVAEISKKIGALTVAVVTL
PFVMEGKVRMKNAMEGLERLKQHTDTLVVIPNEKLFEIVPNMPLKLAFKVADEVLINAVKGLVELITKDGLINVDFADVK
AVMNNGGLAMIGIGESDSEKRAKEAVSMALNSPLLDVDIDGATGALIHVMGPEDLTLEEAREVVATVSSRLDPNATIIWG
ATIDENLENTVRVLLVITGVQSRIEFTDTGLKRKKLELTGIPKI
;
_entity_poly.pdbx_strand_id   A,B
#
loop_
_chem_comp.id
_chem_comp.type
_chem_comp.name
_chem_comp.formula
GTP non-polymer GUANOSINE-5'-TRIPHOSPHATE 'C10 H16 N5 O14 P3'
#
# COMPACT_ATOMS: atom_id res chain seq x y z
N LEU A 22 -0.72 36.10 -44.45
CA LEU A 22 -0.81 37.11 -43.36
C LEU A 22 -0.03 38.38 -43.68
N SER A 23 -0.13 39.38 -42.80
CA SER A 23 0.56 40.64 -42.98
C SER A 23 1.67 40.83 -41.97
N PRO A 24 2.50 41.88 -42.13
CA PRO A 24 3.61 42.13 -41.21
C PRO A 24 3.14 42.10 -39.75
N GLU A 25 2.11 42.89 -39.45
CA GLU A 25 1.57 42.94 -38.10
C GLU A 25 1.16 41.55 -37.63
N ASP A 26 0.30 40.92 -38.41
CA ASP A 26 -0.20 39.59 -38.08
C ASP A 26 0.90 38.56 -37.94
N LYS A 27 1.84 38.54 -38.88
CA LYS A 27 2.95 37.60 -38.81
C LYS A 27 3.68 37.73 -37.49
N GLU A 28 3.93 38.96 -37.07
CA GLU A 28 4.60 39.21 -35.81
C GLU A 28 3.77 38.63 -34.68
N LEU A 29 2.51 39.04 -34.61
CA LEU A 29 1.59 38.56 -33.58
C LEU A 29 1.56 37.05 -33.50
N LEU A 30 1.39 36.40 -34.65
CA LEU A 30 1.34 34.94 -34.72
C LEU A 30 2.59 34.35 -34.07
N GLU A 31 3.75 34.93 -34.38
CA GLU A 31 5.01 34.45 -33.82
C GLU A 31 4.97 34.62 -32.30
N TYR A 32 4.35 35.70 -31.85
CA TYR A 32 4.22 35.97 -30.42
C TYR A 32 3.42 34.83 -29.80
N LEU A 33 2.32 34.48 -30.44
CA LEU A 33 1.45 33.39 -29.98
C LEU A 33 2.25 32.10 -29.84
N GLN A 34 3.30 31.97 -30.63
CA GLN A 34 4.17 30.78 -30.60
C GLN A 34 4.81 30.66 -29.21
N GLN A 35 5.53 31.70 -28.80
CA GLN A 35 6.20 31.72 -27.50
C GLN A 35 5.17 31.63 -26.38
N THR A 36 4.17 32.51 -26.41
CA THR A 36 3.13 32.50 -25.38
C THR A 36 2.30 31.23 -25.59
N LYS A 37 1.58 30.83 -24.56
CA LYS A 37 0.75 29.63 -24.65
C LYS A 37 0.02 29.37 -23.34
N ALA A 38 -0.26 28.09 -23.08
CA ALA A 38 -0.94 27.67 -21.87
C ALA A 38 -0.49 26.24 -21.59
N LYS A 39 0.78 26.10 -21.24
CA LYS A 39 1.36 24.80 -20.93
C LYS A 39 0.92 24.34 -19.55
N ILE A 40 0.14 23.26 -19.54
CA ILE A 40 -0.38 22.69 -18.31
C ILE A 40 0.25 21.32 -18.08
N THR A 41 0.68 21.09 -16.84
CA THR A 41 1.29 19.83 -16.47
C THR A 41 0.61 19.28 -15.22
N VAL A 42 0.30 17.98 -15.24
CA VAL A 42 -0.32 17.35 -14.10
C VAL A 42 0.73 16.44 -13.48
N VAL A 43 0.98 16.63 -12.19
CA VAL A 43 1.98 15.84 -11.48
C VAL A 43 1.36 14.96 -10.40
N GLY A 44 1.48 13.65 -10.56
CA GLY A 44 0.97 12.70 -9.58
C GLY A 44 2.11 12.15 -8.74
N CYS A 45 2.04 12.35 -7.42
CA CYS A 45 3.08 11.90 -6.51
C CYS A 45 2.62 10.71 -5.68
N GLY A 46 3.48 9.71 -5.52
CA GLY A 46 3.10 8.52 -4.75
C GLY A 46 2.18 7.57 -5.50
N GLY A 47 1.85 6.47 -4.85
CA GLY A 47 0.98 5.47 -5.47
C GLY A 47 -0.39 5.97 -5.91
N ALA A 48 -1.13 6.60 -5.01
CA ALA A 48 -2.46 7.12 -5.37
C ALA A 48 -2.28 8.16 -6.48
N GLY A 49 -1.24 8.97 -6.37
CA GLY A 49 -1.00 9.98 -7.39
C GLY A 49 -0.65 9.35 -8.73
N ASN A 50 0.17 8.30 -8.71
CA ASN A 50 0.55 7.61 -9.94
C ASN A 50 -0.68 6.94 -10.57
N ASN A 51 -1.52 6.35 -9.72
CA ASN A 51 -2.72 5.68 -10.20
C ASN A 51 -3.61 6.67 -10.94
N THR A 52 -3.72 7.89 -10.41
CA THR A 52 -4.52 8.93 -11.06
C THR A 52 -3.91 9.31 -12.42
N ILE A 53 -2.58 9.47 -12.46
CA ILE A 53 -1.89 9.82 -13.70
C ILE A 53 -2.07 8.77 -14.79
N THR A 54 -1.92 7.50 -14.40
CA THR A 54 -2.08 6.39 -15.33
C THR A 54 -3.41 6.50 -16.05
N ARG A 55 -4.45 6.76 -15.26
CA ARG A 55 -5.81 6.91 -15.78
C ARG A 55 -5.90 8.07 -16.76
N LEU A 56 -5.41 9.23 -16.35
CA LEU A 56 -5.46 10.42 -17.20
C LEU A 56 -4.72 10.18 -18.52
N LYS A 57 -3.56 9.54 -18.45
CA LYS A 57 -2.79 9.27 -19.65
C LYS A 57 -3.55 8.33 -20.59
N MET A 58 -4.07 7.24 -20.05
CA MET A 58 -4.81 6.25 -20.82
C MET A 58 -6.11 6.78 -21.43
N GLU A 59 -6.94 7.41 -20.62
CA GLU A 59 -8.19 7.97 -21.12
C GLU A 59 -7.91 9.25 -21.90
N GLY A 60 -6.65 9.67 -21.87
CA GLY A 60 -6.24 10.86 -22.59
C GLY A 60 -6.83 12.16 -22.07
N ILE A 61 -6.01 12.95 -21.39
CA ILE A 61 -6.45 14.23 -20.85
C ILE A 61 -6.04 15.28 -21.87
N GLU A 62 -6.92 16.25 -22.12
CA GLU A 62 -6.66 17.28 -23.12
C GLU A 62 -5.72 18.42 -22.79
N GLY A 63 -4.81 18.70 -23.73
CA GLY A 63 -3.86 19.78 -23.59
C GLY A 63 -3.04 19.84 -22.33
N ALA A 64 -2.65 18.68 -21.80
CA ALA A 64 -1.86 18.63 -20.60
C ALA A 64 -0.83 17.51 -20.62
N LYS A 65 0.35 17.79 -20.06
CA LYS A 65 1.42 16.82 -19.98
C LYS A 65 1.29 16.09 -18.63
N THR A 66 1.53 14.79 -18.61
CA THR A 66 1.44 14.04 -17.36
C THR A 66 2.80 13.66 -16.80
N VAL A 67 2.96 13.85 -15.50
CA VAL A 67 4.22 13.51 -14.83
C VAL A 67 3.95 12.70 -13.57
N ALA A 68 4.62 11.58 -13.43
CA ALA A 68 4.46 10.74 -12.25
C ALA A 68 5.77 10.66 -11.51
N ILE A 69 5.72 10.77 -10.19
CA ILE A 69 6.94 10.69 -9.40
C ILE A 69 6.68 9.76 -8.24
N ASN A 70 7.70 9.03 -7.84
CA ASN A 70 7.52 8.11 -6.72
C ASN A 70 8.89 7.67 -6.27
N THR A 71 8.94 7.18 -5.03
CA THR A 71 10.15 6.64 -4.46
C THR A 71 10.14 5.15 -4.85
N ASP A 72 8.94 4.56 -4.81
CA ASP A 72 8.72 3.14 -5.14
C ASP A 72 8.84 2.90 -6.64
N ALA A 73 9.94 2.27 -7.08
CA ALA A 73 10.15 1.99 -8.50
C ALA A 73 9.14 0.99 -9.06
N GLN A 74 8.65 0.11 -8.20
CA GLN A 74 7.68 -0.89 -8.65
C GLN A 74 6.37 -0.24 -9.06
N GLN A 75 5.87 0.68 -8.23
CA GLN A 75 4.63 1.37 -8.55
C GLN A 75 4.83 2.24 -9.79
N LEU A 76 5.98 2.90 -9.86
CA LEU A 76 6.29 3.79 -10.98
C LEU A 76 6.39 3.08 -12.33
N ILE A 77 7.01 1.90 -12.36
CA ILE A 77 7.16 1.18 -13.62
C ILE A 77 5.82 0.75 -14.23
N ARG A 78 4.85 0.41 -13.38
CA ARG A 78 3.55 -0.01 -13.88
C ARG A 78 2.64 1.19 -14.15
N THR A 79 3.14 2.37 -13.83
CA THR A 79 2.40 3.61 -14.06
C THR A 79 2.58 4.03 -15.51
N LYS A 80 1.64 4.83 -16.02
CA LYS A 80 1.72 5.33 -17.38
C LYS A 80 1.63 6.86 -17.37
N ALA A 81 2.62 7.50 -17.99
CA ALA A 81 2.67 8.95 -18.04
C ALA A 81 3.65 9.38 -19.13
N ASP A 82 3.64 10.67 -19.45
CA ASP A 82 4.54 11.18 -20.46
C ASP A 82 5.96 11.20 -19.91
N LYS A 83 6.08 11.33 -18.60
CA LYS A 83 7.39 11.36 -17.94
C LYS A 83 7.31 10.80 -16.53
N LYS A 84 8.30 10.00 -16.15
CA LYS A 84 8.33 9.43 -14.81
C LYS A 84 9.62 9.85 -14.13
N ILE A 85 9.54 10.13 -12.84
CA ILE A 85 10.72 10.53 -12.07
C ILE A 85 10.83 9.73 -10.79
N LEU A 86 11.87 8.91 -10.70
CA LEU A 86 12.09 8.11 -9.50
C LEU A 86 12.87 9.02 -8.54
N ILE A 87 12.22 9.48 -7.49
CA ILE A 87 12.86 10.36 -6.52
C ILE A 87 13.43 9.63 -5.31
N GLY A 88 14.47 10.20 -4.72
CA GLY A 88 15.09 9.60 -3.56
C GLY A 88 15.85 8.31 -3.80
N LYS A 89 16.44 8.17 -4.99
CA LYS A 89 17.20 6.96 -5.32
C LYS A 89 18.17 6.66 -4.19
N LYS A 90 19.01 7.63 -3.86
CA LYS A 90 20.00 7.47 -2.80
C LYS A 90 19.36 7.24 -1.45
N LEU A 91 18.22 7.87 -1.19
CA LEU A 91 17.56 7.74 0.09
C LEU A 91 16.71 6.49 0.29
N THR A 92 15.88 6.15 -0.69
CA THR A 92 15.01 4.99 -0.58
C THR A 92 15.42 3.78 -1.42
N ARG A 93 16.27 4.00 -2.42
CA ARG A 93 16.73 2.92 -3.29
C ARG A 93 15.55 2.22 -3.95
N GLY A 94 14.82 2.97 -4.78
CA GLY A 94 13.68 2.41 -5.48
C GLY A 94 12.60 1.81 -4.60
N LEU A 95 12.67 2.06 -3.29
CA LEU A 95 11.67 1.54 -2.36
C LEU A 95 10.70 2.64 -1.89
N GLY A 96 9.51 2.24 -1.45
CA GLY A 96 8.54 3.21 -0.97
C GLY A 96 9.05 3.88 0.29
N ALA A 97 8.26 4.82 0.83
CA ALA A 97 8.64 5.55 2.03
C ALA A 97 8.10 4.92 3.32
N GLY A 98 7.44 3.78 3.19
CA GLY A 98 6.90 3.10 4.36
C GLY A 98 6.04 3.97 5.25
N GLY A 99 5.34 4.95 4.66
CA GLY A 99 4.47 5.83 5.42
C GLY A 99 5.12 7.01 6.13
N ASN A 100 6.42 7.20 5.93
CA ASN A 100 7.15 8.30 6.57
C ASN A 100 7.21 9.54 5.67
N PRO A 101 6.39 10.56 5.97
CA PRO A 101 6.37 11.80 5.18
C PRO A 101 7.74 12.48 5.02
N LYS A 102 8.58 12.35 6.04
CA LYS A 102 9.90 12.96 6.00
C LYS A 102 10.78 12.35 4.92
N ILE A 103 10.54 11.08 4.60
CA ILE A 103 11.32 10.42 3.57
C ILE A 103 10.88 10.94 2.20
N GLY A 104 9.58 11.13 2.03
CA GLY A 104 9.07 11.66 0.78
C GLY A 104 9.57 13.07 0.53
N GLU A 105 9.67 13.84 1.61
CA GLU A 105 10.13 15.23 1.54
C GLU A 105 11.61 15.26 1.16
N GLU A 106 12.42 14.47 1.87
CA GLU A 106 13.85 14.41 1.60
C GLU A 106 14.09 13.88 0.19
N ALA A 107 13.32 12.84 -0.17
CA ALA A 107 13.46 12.26 -1.50
C ALA A 107 13.21 13.31 -2.59
N ALA A 108 12.14 14.07 -2.45
CA ALA A 108 11.81 15.10 -3.43
C ALA A 108 12.90 16.17 -3.52
N LYS A 109 13.50 16.50 -2.38
CA LYS A 109 14.56 17.49 -2.34
C LYS A 109 15.76 17.00 -3.15
N GLU A 110 16.12 15.74 -2.92
CA GLU A 110 17.23 15.11 -3.61
C GLU A 110 17.05 15.17 -5.12
N SER A 111 15.81 15.19 -5.58
CA SER A 111 15.53 15.20 -7.00
C SER A 111 14.92 16.49 -7.52
N ALA A 112 15.11 17.57 -6.77
CA ALA A 112 14.57 18.87 -7.16
C ALA A 112 14.88 19.24 -8.60
N GLU A 113 16.15 19.08 -8.99
CA GLU A 113 16.55 19.41 -10.34
C GLU A 113 15.81 18.60 -11.40
N GLU A 114 15.61 17.30 -11.13
CA GLU A 114 14.90 16.46 -12.09
C GLU A 114 13.44 16.89 -12.17
N ILE A 115 12.83 17.18 -11.02
CA ILE A 115 11.44 17.60 -10.97
C ILE A 115 11.32 18.94 -11.71
N LYS A 116 12.22 19.86 -11.39
CA LYS A 116 12.26 21.17 -12.02
C LYS A 116 12.31 21.03 -13.54
N ALA A 117 13.15 20.13 -14.02
CA ALA A 117 13.28 19.92 -15.46
C ALA A 117 11.98 19.41 -16.10
N ALA A 118 11.22 18.62 -15.35
CA ALA A 118 9.97 18.06 -15.85
C ALA A 118 8.83 19.06 -15.97
N ILE A 119 8.78 20.05 -15.09
CA ILE A 119 7.71 21.05 -15.11
C ILE A 119 8.20 22.44 -15.52
N GLN A 120 9.48 22.52 -15.89
CA GLN A 120 10.14 23.76 -16.29
C GLN A 120 9.35 24.84 -17.02
N ASP A 121 8.90 24.56 -18.24
CA ASP A 121 8.16 25.58 -18.98
C ASP A 121 6.65 25.53 -18.83
N SER A 122 6.18 25.20 -17.63
CA SER A 122 4.74 25.12 -17.40
C SER A 122 4.16 26.44 -16.97
N ASP A 123 2.99 26.77 -17.52
CA ASP A 123 2.30 28.00 -17.15
C ASP A 123 1.46 27.66 -15.93
N MET A 124 1.05 26.39 -15.84
CA MET A 124 0.21 25.93 -14.74
C MET A 124 0.52 24.49 -14.39
N VAL A 125 0.65 24.23 -13.09
CA VAL A 125 0.96 22.89 -12.61
C VAL A 125 -0.06 22.37 -11.62
N PHE A 126 -0.64 21.21 -11.93
CA PHE A 126 -1.60 20.57 -11.05
C PHE A 126 -0.87 19.45 -10.33
N ILE A 127 -0.94 19.47 -9.00
CA ILE A 127 -0.27 18.48 -8.18
C ILE A 127 -1.34 17.64 -7.51
N THR A 128 -1.32 16.33 -7.77
CA THR A 128 -2.32 15.45 -7.19
C THR A 128 -1.70 14.25 -6.49
N CYS A 129 -2.34 13.83 -5.40
CA CYS A 129 -1.86 12.68 -4.64
C CYS A 129 -2.84 12.40 -3.53
N GLY A 130 -2.64 11.28 -2.84
CA GLY A 130 -3.49 10.94 -1.71
C GLY A 130 -2.63 11.24 -0.49
N LEU A 131 -3.10 12.13 0.38
CA LEU A 131 -2.33 12.47 1.57
C LEU A 131 -2.49 11.37 2.62
N GLY A 132 -1.42 11.09 3.38
CA GLY A 132 -1.49 10.04 4.38
C GLY A 132 -0.31 9.09 4.34
N GLY A 133 0.28 8.91 3.16
CA GLY A 133 1.42 8.03 3.03
C GLY A 133 2.70 8.83 3.20
N GLY A 134 3.85 8.20 2.96
CA GLY A 134 5.09 8.93 3.11
C GLY A 134 5.56 9.71 1.89
N THR A 135 5.30 9.20 0.70
CA THR A 135 5.75 9.87 -0.51
C THR A 135 4.91 11.06 -0.95
N GLY A 136 3.62 10.83 -1.22
CA GLY A 136 2.75 11.91 -1.64
C GLY A 136 2.74 13.03 -0.63
N THR A 137 2.49 12.68 0.63
CA THR A 137 2.44 13.67 1.71
C THR A 137 3.71 14.53 1.82
N GLY A 138 4.86 13.89 1.77
CA GLY A 138 6.12 14.62 1.89
C GLY A 138 6.63 15.36 0.67
N SER A 139 6.43 14.79 -0.52
CA SER A 139 6.90 15.42 -1.76
C SER A 139 5.98 16.44 -2.41
N ALA A 140 4.68 16.32 -2.22
CA ALA A 140 3.74 17.26 -2.84
C ALA A 140 4.12 18.71 -2.56
N PRO A 141 4.46 19.04 -1.30
CA PRO A 141 4.85 20.41 -0.96
C PRO A 141 6.13 20.83 -1.67
N VAL A 142 7.06 19.90 -1.86
CA VAL A 142 8.30 20.22 -2.54
C VAL A 142 8.05 20.48 -4.00
N VAL A 143 7.17 19.69 -4.60
CA VAL A 143 6.86 19.88 -6.01
C VAL A 143 6.17 21.24 -6.18
N ALA A 144 5.30 21.58 -5.24
CA ALA A 144 4.59 22.85 -5.31
C ALA A 144 5.57 24.02 -5.18
N GLU A 145 6.52 23.92 -4.27
CA GLU A 145 7.49 25.00 -4.10
C GLU A 145 8.27 25.22 -5.39
N ILE A 146 8.69 24.12 -6.01
CA ILE A 146 9.44 24.22 -7.26
C ILE A 146 8.56 24.80 -8.35
N SER A 147 7.31 24.39 -8.36
CA SER A 147 6.35 24.87 -9.37
C SER A 147 6.21 26.39 -9.34
N LYS A 148 6.10 26.96 -8.15
CA LYS A 148 5.98 28.40 -8.04
C LYS A 148 7.29 29.12 -8.36
N LYS A 149 8.41 28.56 -7.91
CA LYS A 149 9.71 29.15 -8.18
C LYS A 149 9.94 29.29 -9.68
N ILE A 150 9.44 28.33 -10.46
CA ILE A 150 9.60 28.40 -11.90
C ILE A 150 8.50 29.29 -12.50
N GLY A 151 7.69 29.89 -11.62
CA GLY A 151 6.64 30.81 -12.05
C GLY A 151 5.36 30.26 -12.64
N ALA A 152 4.93 29.09 -12.18
CA ALA A 152 3.71 28.50 -12.70
C ALA A 152 2.57 28.65 -11.73
N LEU A 153 1.36 28.81 -12.28
CA LEU A 153 0.17 28.89 -11.43
C LEU A 153 0.18 27.48 -10.83
N THR A 154 0.22 27.41 -9.51
CA THR A 154 0.32 26.12 -8.82
C THR A 154 -0.95 25.68 -8.10
N VAL A 155 -1.53 24.56 -8.56
CA VAL A 155 -2.75 24.05 -7.99
C VAL A 155 -2.62 22.60 -7.53
N ALA A 156 -3.13 22.31 -6.35
CA ALA A 156 -3.08 20.96 -5.83
C ALA A 156 -4.52 20.44 -5.72
N VAL A 157 -4.67 19.13 -5.92
CA VAL A 157 -5.97 18.47 -5.81
C VAL A 157 -5.58 17.18 -5.11
N VAL A 158 -5.83 17.14 -3.81
CA VAL A 158 -5.48 16.00 -3.00
C VAL A 158 -6.66 15.49 -2.21
N THR A 159 -6.51 14.28 -1.69
CA THR A 159 -7.55 13.64 -0.88
C THR A 159 -7.02 13.39 0.52
N LEU A 160 -7.93 13.38 1.48
CA LEU A 160 -7.60 13.10 2.88
C LEU A 160 -8.01 11.64 3.01
N PRO A 161 -7.36 10.87 3.88
CA PRO A 161 -7.69 9.45 4.05
C PRO A 161 -9.01 9.14 4.73
N PHE A 162 -9.48 7.91 4.54
CA PHE A 162 -10.72 7.42 5.14
C PHE A 162 -10.44 7.21 6.62
N VAL A 163 -11.46 7.34 7.44
CA VAL A 163 -11.31 7.16 8.88
C VAL A 163 -10.72 5.78 9.16
N MET A 164 -11.22 4.77 8.48
CA MET A 164 -10.75 3.40 8.66
C MET A 164 -9.24 3.21 8.43
N GLU A 165 -8.55 4.26 8.02
CA GLU A 165 -7.10 4.14 7.79
C GLU A 165 -6.27 4.46 9.03
N GLY A 166 -6.93 4.85 10.12
CA GLY A 166 -6.20 5.16 11.34
C GLY A 166 -5.88 6.64 11.54
N LYS A 167 -5.67 7.02 12.80
CA LYS A 167 -5.37 8.40 13.13
C LYS A 167 -3.97 8.86 12.73
N VAL A 168 -3.01 7.93 12.72
CA VAL A 168 -1.66 8.30 12.33
C VAL A 168 -1.67 8.79 10.88
N ARG A 169 -2.36 8.05 10.03
CA ARG A 169 -2.41 8.42 8.62
C ARG A 169 -3.10 9.78 8.40
N MET A 170 -4.12 10.07 9.20
CA MET A 170 -4.83 11.34 9.08
C MET A 170 -3.99 12.50 9.62
N LYS A 171 -3.25 12.27 10.69
CA LYS A 171 -2.39 13.31 11.26
C LYS A 171 -1.32 13.69 10.25
N ASN A 172 -0.62 12.69 9.72
CA ASN A 172 0.41 12.93 8.73
C ASN A 172 -0.17 13.66 7.52
N ALA A 173 -1.40 13.31 7.16
CA ALA A 173 -2.07 13.94 6.03
C ALA A 173 -2.36 15.41 6.32
N MET A 174 -2.89 15.67 7.51
CA MET A 174 -3.22 17.05 7.90
C MET A 174 -2.00 17.93 8.04
N GLU A 175 -0.90 17.35 8.49
CA GLU A 175 0.33 18.11 8.63
C GLU A 175 0.84 18.43 7.23
N GLY A 176 0.78 17.44 6.35
CA GLY A 176 1.22 17.65 4.98
C GLY A 176 0.30 18.66 4.29
N LEU A 177 -0.96 18.70 4.72
CA LEU A 177 -1.94 19.61 4.14
C LEU A 177 -1.60 21.05 4.51
N GLU A 178 -1.09 21.23 5.72
CA GLU A 178 -0.70 22.55 6.21
C GLU A 178 0.54 23.01 5.46
N ARG A 179 1.48 22.08 5.22
CA ARG A 179 2.70 22.38 4.50
C ARG A 179 2.41 22.72 3.05
N LEU A 180 1.51 21.95 2.43
CA LEU A 180 1.16 22.16 1.04
C LEU A 180 0.48 23.52 0.85
N LYS A 181 -0.39 23.84 1.80
CA LYS A 181 -1.14 25.10 1.83
C LYS A 181 -0.24 26.33 1.72
N GLN A 182 1.01 26.20 2.15
CA GLN A 182 1.97 27.30 2.11
C GLN A 182 2.54 27.56 0.71
N HIS A 183 2.57 26.53 -0.11
CA HIS A 183 3.17 26.63 -1.44
C HIS A 183 2.25 26.56 -2.64
N THR A 184 0.95 26.57 -2.40
CA THR A 184 0.01 26.48 -3.51
C THR A 184 -0.75 27.77 -3.71
N ASP A 185 -1.25 27.99 -4.93
CA ASP A 185 -2.04 29.18 -5.20
C ASP A 185 -3.49 28.80 -4.88
N THR A 186 -3.85 27.56 -5.19
CA THR A 186 -5.18 27.02 -4.87
C THR A 186 -4.99 25.58 -4.43
N LEU A 187 -5.54 25.20 -3.29
CA LEU A 187 -5.43 23.84 -2.75
C LEU A 187 -6.82 23.21 -2.66
N VAL A 188 -7.11 22.29 -3.57
CA VAL A 188 -8.41 21.62 -3.58
C VAL A 188 -8.30 20.35 -2.73
N VAL A 189 -9.10 20.27 -1.67
CA VAL A 189 -9.07 19.11 -0.79
C VAL A 189 -10.35 18.30 -0.84
N ILE A 190 -10.22 17.00 -1.10
CA ILE A 190 -11.35 16.07 -1.19
C ILE A 190 -11.27 15.08 -0.03
N PRO A 191 -12.24 15.15 0.91
CA PRO A 191 -12.30 14.27 2.08
C PRO A 191 -12.86 12.90 1.72
N ASN A 192 -11.98 11.92 1.51
CA ASN A 192 -12.43 10.57 1.14
C ASN A 192 -13.55 10.03 2.04
N GLU A 193 -13.46 10.31 3.33
CA GLU A 193 -14.47 9.83 4.27
C GLU A 193 -15.90 10.25 3.90
N LYS A 194 -16.04 11.41 3.25
CA LYS A 194 -17.37 11.87 2.86
C LYS A 194 -17.97 11.01 1.77
N LEU A 195 -17.14 10.22 1.10
CA LEU A 195 -17.63 9.33 0.05
C LEU A 195 -18.67 8.34 0.60
N PHE A 196 -18.61 8.07 1.91
CA PHE A 196 -19.56 7.16 2.52
C PHE A 196 -20.93 7.80 2.69
N GLU A 197 -20.98 9.13 2.56
CA GLU A 197 -22.23 9.86 2.65
C GLU A 197 -22.89 9.92 1.27
N ILE A 198 -22.08 9.77 0.22
CA ILE A 198 -22.58 9.79 -1.14
C ILE A 198 -23.11 8.40 -1.52
N VAL A 199 -22.44 7.36 -1.04
CA VAL A 199 -22.86 5.98 -1.31
C VAL A 199 -22.75 5.20 0.02
N PRO A 200 -23.80 5.26 0.85
CA PRO A 200 -23.91 4.60 2.16
C PRO A 200 -23.59 3.11 2.18
N ASN A 201 -24.11 2.36 1.21
CA ASN A 201 -23.87 0.92 1.17
C ASN A 201 -22.67 0.56 0.32
N MET A 202 -21.67 1.42 0.31
CA MET A 202 -20.45 1.19 -0.46
C MET A 202 -19.62 0.08 0.17
N PRO A 203 -19.38 -1.00 -0.57
CA PRO A 203 -18.58 -2.11 -0.04
C PRO A 203 -17.14 -1.64 0.15
N LEU A 204 -16.53 -1.95 1.30
CA LEU A 204 -15.16 -1.54 1.57
C LEU A 204 -14.20 -1.84 0.42
N LYS A 205 -14.37 -2.99 -0.23
CA LYS A 205 -13.48 -3.38 -1.32
C LYS A 205 -13.55 -2.43 -2.51
N LEU A 206 -14.51 -1.51 -2.50
CA LEU A 206 -14.66 -0.54 -3.58
C LEU A 206 -14.35 0.90 -3.14
N ALA A 207 -14.07 1.08 -1.86
CA ALA A 207 -13.77 2.41 -1.32
C ALA A 207 -12.77 3.22 -2.13
N PHE A 208 -11.64 2.61 -2.50
CA PHE A 208 -10.63 3.32 -3.27
C PHE A 208 -10.96 3.42 -4.75
N LYS A 209 -11.72 2.46 -5.28
CA LYS A 209 -12.13 2.53 -6.68
C LYS A 209 -13.06 3.74 -6.85
N VAL A 210 -13.83 4.04 -5.82
CA VAL A 210 -14.76 5.17 -5.84
C VAL A 210 -13.96 6.47 -5.68
N ALA A 211 -13.00 6.48 -4.76
CA ALA A 211 -12.15 7.65 -4.55
C ALA A 211 -11.44 7.96 -5.87
N ASP A 212 -10.98 6.91 -6.56
CA ASP A 212 -10.30 7.06 -7.84
C ASP A 212 -11.17 7.86 -8.79
N GLU A 213 -12.43 7.44 -8.89
CA GLU A 213 -13.40 8.08 -9.77
C GLU A 213 -13.57 9.55 -9.42
N VAL A 214 -13.67 9.86 -8.12
CA VAL A 214 -13.83 11.26 -7.70
C VAL A 214 -12.58 12.08 -8.04
N LEU A 215 -11.41 11.52 -7.76
CA LEU A 215 -10.16 12.20 -8.07
C LEU A 215 -10.06 12.54 -9.56
N ILE A 216 -10.25 11.54 -10.41
CA ILE A 216 -10.16 11.76 -11.85
C ILE A 216 -11.15 12.82 -12.32
N ASN A 217 -12.39 12.76 -11.87
CA ASN A 217 -13.37 13.74 -12.31
C ASN A 217 -13.02 15.16 -11.89
N ALA A 218 -12.41 15.30 -10.71
CA ALA A 218 -12.01 16.63 -10.23
C ALA A 218 -10.83 17.17 -11.03
N VAL A 219 -9.78 16.39 -11.18
CA VAL A 219 -8.60 16.82 -11.92
C VAL A 219 -8.86 17.00 -13.42
N LYS A 220 -9.35 15.95 -14.07
CA LYS A 220 -9.65 16.04 -15.48
C LYS A 220 -10.67 17.17 -15.68
N GLY A 221 -11.70 17.19 -14.84
CA GLY A 221 -12.71 18.23 -14.93
C GLY A 221 -12.14 19.63 -14.86
N LEU A 222 -11.20 19.85 -13.95
CA LEU A 222 -10.58 21.16 -13.81
C LEU A 222 -9.69 21.47 -15.01
N VAL A 223 -8.85 20.51 -15.38
CA VAL A 223 -7.94 20.69 -16.50
C VAL A 223 -8.65 20.92 -17.81
N GLU A 224 -9.62 20.07 -18.13
CA GLU A 224 -10.33 20.23 -19.40
C GLU A 224 -11.20 21.46 -19.46
N LEU A 225 -11.65 21.95 -18.31
CA LEU A 225 -12.46 23.18 -18.29
C LEU A 225 -11.63 24.27 -18.95
N ILE A 226 -10.31 24.16 -18.79
CA ILE A 226 -9.38 25.13 -19.34
C ILE A 226 -8.86 24.82 -20.75
N THR A 227 -8.65 23.54 -21.04
CA THR A 227 -8.09 23.14 -22.34
C THR A 227 -9.05 22.61 -23.40
N LYS A 228 -10.24 22.18 -22.99
CA LYS A 228 -11.17 21.61 -23.96
C LYS A 228 -12.16 22.60 -24.56
N ASP A 229 -12.28 22.57 -25.89
CA ASP A 229 -13.21 23.44 -26.58
C ASP A 229 -14.62 23.09 -26.14
N GLY A 230 -15.39 24.12 -25.79
CA GLY A 230 -16.75 23.88 -25.33
C GLY A 230 -17.73 24.83 -25.98
N LEU A 231 -18.95 24.88 -25.44
CA LEU A 231 -20.00 25.73 -25.97
C LEU A 231 -19.71 27.19 -25.71
N ILE A 232 -18.67 27.45 -24.92
CA ILE A 232 -18.27 28.82 -24.61
C ILE A 232 -16.79 28.85 -24.28
N ASN A 233 -16.10 29.89 -24.72
CA ASN A 233 -14.68 30.01 -24.46
C ASN A 233 -14.34 30.29 -23.01
N VAL A 234 -13.32 29.59 -22.51
CA VAL A 234 -12.85 29.79 -21.15
C VAL A 234 -11.51 30.48 -21.32
N ASP A 235 -11.41 31.70 -20.83
CA ASP A 235 -10.20 32.48 -20.95
C ASP A 235 -9.20 32.11 -19.88
N PHE A 236 -7.99 31.74 -20.31
CA PHE A 236 -6.95 31.34 -19.37
C PHE A 236 -6.61 32.45 -18.39
N ALA A 237 -6.62 33.70 -18.87
CA ALA A 237 -6.31 34.81 -18.00
C ALA A 237 -7.33 34.88 -16.85
N ASP A 238 -8.60 34.67 -17.16
CA ASP A 238 -9.63 34.71 -16.13
C ASP A 238 -9.41 33.56 -15.13
N VAL A 239 -9.01 32.39 -15.63
CA VAL A 239 -8.75 31.25 -14.76
C VAL A 239 -7.62 31.58 -13.81
N LYS A 240 -6.59 32.25 -14.31
CA LYS A 240 -5.46 32.65 -13.48
C LYS A 240 -5.90 33.56 -12.34
N ALA A 241 -6.68 34.57 -12.68
CA ALA A 241 -7.17 35.54 -11.71
C ALA A 241 -7.89 34.90 -10.53
N VAL A 242 -8.73 33.90 -10.82
CA VAL A 242 -9.48 33.22 -9.78
C VAL A 242 -8.64 32.26 -8.95
N MET A 243 -7.73 31.54 -9.61
CA MET A 243 -6.91 30.56 -8.92
C MET A 243 -5.60 31.07 -8.33
N ASN A 244 -5.15 32.23 -8.79
CA ASN A 244 -3.92 32.81 -8.29
C ASN A 244 -3.95 32.92 -6.76
N ASN A 245 -5.12 33.20 -6.21
CA ASN A 245 -5.25 33.30 -4.77
C ASN A 245 -6.47 32.54 -4.28
N GLY A 246 -6.74 31.41 -4.92
CA GLY A 246 -7.88 30.58 -4.56
C GLY A 246 -7.86 30.09 -3.13
N GLY A 247 -6.68 30.04 -2.52
CA GLY A 247 -6.59 29.56 -1.15
C GLY A 247 -7.01 28.10 -1.02
N LEU A 248 -7.88 27.82 -0.06
CA LEU A 248 -8.35 26.46 0.18
C LEU A 248 -9.66 26.26 -0.58
N ALA A 249 -9.75 25.18 -1.34
CA ALA A 249 -10.95 24.91 -2.13
C ALA A 249 -11.50 23.50 -1.93
N MET A 250 -12.80 23.34 -2.16
CA MET A 250 -13.45 22.06 -2.04
C MET A 250 -14.37 21.87 -3.23
N ILE A 251 -14.67 20.63 -3.57
CA ILE A 251 -15.50 20.36 -4.73
C ILE A 251 -16.87 19.78 -4.40
N GLY A 252 -17.72 19.79 -5.42
CA GLY A 252 -19.05 19.25 -5.32
C GLY A 252 -19.30 18.60 -6.67
N ILE A 253 -19.89 17.41 -6.70
CA ILE A 253 -20.15 16.75 -7.96
C ILE A 253 -21.60 16.28 -8.07
N GLY A 254 -22.22 16.57 -9.21
CA GLY A 254 -23.59 16.14 -9.42
C GLY A 254 -23.83 15.74 -10.86
N GLU A 255 -24.80 14.86 -11.06
CA GLU A 255 -25.14 14.47 -12.41
C GLU A 255 -26.56 13.95 -12.38
N SER A 256 -27.27 14.16 -13.49
CA SER A 256 -28.65 13.76 -13.60
C SER A 256 -29.03 13.60 -15.06
N ASP A 257 -30.04 12.79 -15.31
CA ASP A 257 -30.54 12.56 -16.66
C ASP A 257 -32.03 12.82 -16.61
N SER A 258 -32.48 13.30 -15.46
CA SER A 258 -33.88 13.61 -15.23
C SER A 258 -34.35 14.75 -16.14
N GLU A 259 -35.65 15.00 -16.12
CA GLU A 259 -36.25 16.04 -16.94
C GLU A 259 -35.46 17.35 -16.85
N LYS A 260 -35.12 17.76 -15.64
CA LYS A 260 -34.33 18.96 -15.43
C LYS A 260 -32.88 18.59 -15.09
N ARG A 261 -32.24 17.87 -16.03
CA ARG A 261 -30.84 17.44 -15.91
C ARG A 261 -29.92 18.42 -15.19
N ALA A 262 -29.78 19.59 -15.78
CA ALA A 262 -28.91 20.64 -15.28
C ALA A 262 -29.29 21.15 -13.91
N LYS A 263 -30.58 21.34 -13.67
CA LYS A 263 -31.04 21.83 -12.39
C LYS A 263 -30.72 20.84 -11.28
N GLU A 264 -31.00 19.56 -11.54
CA GLU A 264 -30.73 18.52 -10.54
C GLU A 264 -29.24 18.29 -10.36
N ALA A 265 -28.51 18.24 -11.46
CA ALA A 265 -27.07 18.02 -11.38
C ALA A 265 -26.43 19.06 -10.46
N VAL A 266 -26.65 20.34 -10.75
CA VAL A 266 -26.07 21.41 -9.95
C VAL A 266 -26.57 21.38 -8.51
N SER A 267 -27.83 21.00 -8.31
CA SER A 267 -28.39 20.92 -6.96
C SER A 267 -27.64 19.81 -6.22
N MET A 268 -27.35 18.72 -6.94
CA MET A 268 -26.61 17.62 -6.32
C MET A 268 -25.18 18.06 -5.96
N ALA A 269 -24.56 18.83 -6.85
CA ALA A 269 -23.20 19.32 -6.62
C ALA A 269 -23.16 20.26 -5.40
N LEU A 270 -24.07 21.22 -5.36
CA LEU A 270 -24.13 22.17 -4.26
C LEU A 270 -24.43 21.49 -2.91
N ASN A 271 -25.15 20.37 -2.93
CA ASN A 271 -25.48 19.66 -1.70
C ASN A 271 -24.52 18.50 -1.43
N SER A 272 -23.52 18.35 -2.28
CA SER A 272 -22.55 17.27 -2.15
C SER A 272 -21.83 17.23 -0.81
N PRO A 273 -21.70 16.04 -0.22
CA PRO A 273 -20.99 15.97 1.06
C PRO A 273 -19.51 16.27 0.89
N LEU A 274 -19.03 16.18 -0.34
CA LEU A 274 -17.62 16.47 -0.62
C LEU A 274 -17.38 17.96 -0.34
N LEU A 275 -18.42 18.76 -0.55
CA LEU A 275 -18.36 20.19 -0.32
C LEU A 275 -18.74 20.45 1.14
N ASP A 276 -17.93 19.89 2.04
CA ASP A 276 -18.17 20.02 3.47
C ASP A 276 -17.71 21.35 4.08
N VAL A 277 -18.46 22.40 3.80
CA VAL A 277 -18.13 23.73 4.30
C VAL A 277 -19.24 24.70 3.93
N ASP A 278 -19.30 25.83 4.63
CA ASP A 278 -20.30 26.85 4.34
C ASP A 278 -19.80 27.57 3.09
N ILE A 279 -20.56 27.51 2.00
CA ILE A 279 -20.14 28.15 0.76
C ILE A 279 -20.53 29.63 0.63
N ASP A 280 -21.45 30.09 1.46
CA ASP A 280 -21.88 31.49 1.39
C ASP A 280 -20.71 32.45 1.55
N GLY A 281 -19.63 31.98 2.17
CA GLY A 281 -18.47 32.80 2.38
C GLY A 281 -17.37 32.48 1.37
N ALA A 282 -17.78 32.08 0.18
CA ALA A 282 -16.84 31.74 -0.89
C ALA A 282 -16.50 32.97 -1.72
N THR A 283 -15.23 33.11 -2.07
CA THR A 283 -14.74 34.24 -2.86
C THR A 283 -14.88 34.01 -4.36
N GLY A 284 -14.98 32.75 -4.76
CA GLY A 284 -15.09 32.45 -6.17
C GLY A 284 -15.42 30.99 -6.45
N ALA A 285 -15.58 30.67 -7.73
CA ALA A 285 -15.88 29.31 -8.11
C ALA A 285 -15.54 29.03 -9.55
N LEU A 286 -15.28 27.76 -9.82
CA LEU A 286 -14.96 27.29 -11.16
C LEU A 286 -16.06 26.27 -11.42
N ILE A 287 -16.82 26.45 -12.50
CA ILE A 287 -17.91 25.55 -12.81
C ILE A 287 -17.70 24.88 -14.15
N HIS A 288 -17.71 23.56 -14.17
CA HIS A 288 -17.56 22.85 -15.43
C HIS A 288 -18.79 22.00 -15.70
N VAL A 289 -19.54 22.35 -16.73
CA VAL A 289 -20.73 21.58 -17.09
C VAL A 289 -20.35 20.66 -18.24
N MET A 290 -20.61 19.37 -18.08
CA MET A 290 -20.29 18.38 -19.09
C MET A 290 -21.57 17.60 -19.42
N GLY A 291 -21.85 17.42 -20.72
CA GLY A 291 -23.03 16.70 -21.11
C GLY A 291 -22.94 16.09 -22.49
N PRO A 292 -24.00 15.42 -22.96
CA PRO A 292 -23.97 14.81 -24.29
C PRO A 292 -24.11 15.87 -25.38
N GLU A 293 -24.18 15.43 -26.63
CA GLU A 293 -24.29 16.34 -27.76
C GLU A 293 -25.49 17.27 -27.69
N ASP A 294 -26.53 16.88 -26.95
CA ASP A 294 -27.73 17.72 -26.84
C ASP A 294 -27.63 18.82 -25.78
N LEU A 295 -26.46 18.95 -25.15
CA LEU A 295 -26.26 19.98 -24.14
C LEU A 295 -26.31 21.37 -24.76
N THR A 296 -27.11 22.27 -24.19
CA THR A 296 -27.20 23.63 -24.70
C THR A 296 -26.55 24.60 -23.72
N LEU A 297 -26.25 25.80 -24.21
CA LEU A 297 -25.62 26.83 -23.41
C LEU A 297 -26.58 27.28 -22.30
N GLU A 298 -27.87 27.19 -22.60
CA GLU A 298 -28.92 27.59 -21.65
C GLU A 298 -28.94 26.71 -20.40
N GLU A 299 -28.68 25.41 -20.56
CA GLU A 299 -28.65 24.51 -19.43
C GLU A 299 -27.47 24.92 -18.55
N ALA A 300 -26.32 25.11 -19.19
CA ALA A 300 -25.11 25.51 -18.49
C ALA A 300 -25.33 26.82 -17.77
N ARG A 301 -26.07 27.71 -18.41
CA ARG A 301 -26.35 29.02 -17.84
C ARG A 301 -27.13 28.86 -16.54
N GLU A 302 -28.11 27.97 -16.55
CA GLU A 302 -28.96 27.71 -15.39
C GLU A 302 -28.12 27.17 -14.23
N VAL A 303 -27.12 26.35 -14.55
CA VAL A 303 -26.25 25.80 -13.51
C VAL A 303 -25.52 26.95 -12.84
N VAL A 304 -24.92 27.81 -13.66
CA VAL A 304 -24.18 28.96 -13.17
C VAL A 304 -25.07 29.91 -12.39
N ALA A 305 -26.25 30.18 -12.94
CA ALA A 305 -27.18 31.07 -12.25
C ALA A 305 -27.45 30.53 -10.84
N THR A 306 -27.75 29.24 -10.76
CA THR A 306 -28.01 28.60 -9.46
C THR A 306 -26.85 28.77 -8.48
N VAL A 307 -25.63 28.46 -8.92
CA VAL A 307 -24.47 28.57 -8.04
C VAL A 307 -24.25 30.01 -7.57
N SER A 308 -24.33 30.96 -8.50
CA SER A 308 -24.11 32.36 -8.18
C SER A 308 -24.99 32.89 -7.04
N SER A 309 -26.21 32.37 -6.93
CA SER A 309 -27.10 32.84 -5.88
C SER A 309 -26.72 32.33 -4.49
N ARG A 310 -25.85 31.33 -4.43
CA ARG A 310 -25.41 30.77 -3.16
C ARG A 310 -24.13 31.41 -2.65
N LEU A 311 -23.34 31.98 -3.57
CA LEU A 311 -22.08 32.61 -3.18
C LEU A 311 -22.23 34.10 -2.97
N ASP A 312 -21.19 34.71 -2.38
CA ASP A 312 -21.19 36.15 -2.15
C ASP A 312 -21.43 36.82 -3.51
N PRO A 313 -22.30 37.84 -3.55
CA PRO A 313 -22.57 38.52 -4.81
C PRO A 313 -21.34 39.14 -5.49
N ASN A 314 -20.24 39.21 -4.77
CA ASN A 314 -18.99 39.78 -5.29
C ASN A 314 -17.98 38.71 -5.74
N ALA A 315 -18.35 37.44 -5.60
CA ALA A 315 -17.48 36.36 -6.00
C ALA A 315 -17.29 36.30 -7.51
N THR A 316 -16.12 35.84 -7.95
CA THR A 316 -15.86 35.70 -9.38
C THR A 316 -16.09 34.25 -9.75
N ILE A 317 -16.88 34.05 -10.81
CA ILE A 317 -17.23 32.73 -11.28
C ILE A 317 -16.75 32.45 -12.68
N ILE A 318 -15.88 31.45 -12.82
CA ILE A 318 -15.38 31.05 -14.14
C ILE A 318 -16.15 29.78 -14.50
N TRP A 319 -16.73 29.73 -15.68
CA TRP A 319 -17.49 28.54 -16.06
C TRP A 319 -17.31 28.13 -17.50
N GLY A 320 -17.54 26.85 -17.76
CA GLY A 320 -17.43 26.32 -19.11
C GLY A 320 -18.41 25.17 -19.29
N ALA A 321 -18.65 24.80 -20.54
CA ALA A 321 -19.57 23.71 -20.85
C ALA A 321 -19.00 22.96 -22.04
N THR A 322 -18.70 21.68 -21.84
CA THR A 322 -18.14 20.89 -22.92
C THR A 322 -18.97 19.65 -23.16
N ILE A 323 -18.73 19.01 -24.29
CA ILE A 323 -19.45 17.82 -24.65
C ILE A 323 -18.60 16.59 -24.39
N ASP A 324 -19.16 15.65 -23.64
CA ASP A 324 -18.46 14.42 -23.31
C ASP A 324 -19.05 13.31 -24.16
N GLU A 325 -18.27 12.86 -25.15
CA GLU A 325 -18.68 11.82 -26.08
C GLU A 325 -19.48 10.68 -25.46
N ASN A 326 -18.95 10.07 -24.40
CA ASN A 326 -19.64 8.97 -23.74
C ASN A 326 -20.44 9.40 -22.50
N LEU A 327 -21.53 10.11 -22.73
CA LEU A 327 -22.38 10.55 -21.62
C LEU A 327 -23.83 10.15 -21.92
N GLU A 328 -24.15 9.99 -23.20
CA GLU A 328 -25.48 9.59 -23.66
C GLU A 328 -26.56 10.65 -23.43
N ASN A 329 -27.04 10.77 -22.20
CA ASN A 329 -28.07 11.77 -21.90
C ASN A 329 -28.04 12.27 -20.46
N THR A 330 -26.88 12.18 -19.83
CA THR A 330 -26.70 12.65 -18.46
C THR A 330 -25.82 13.90 -18.48
N VAL A 331 -26.13 14.85 -17.59
CA VAL A 331 -25.33 16.06 -17.51
C VAL A 331 -24.59 16.05 -16.17
N ARG A 332 -23.28 16.24 -16.23
CA ARG A 332 -22.44 16.25 -15.04
C ARG A 332 -21.96 17.65 -14.71
N VAL A 333 -21.95 17.99 -13.43
CA VAL A 333 -21.50 19.30 -13.00
C VAL A 333 -20.39 19.22 -11.97
N LEU A 334 -19.23 19.80 -12.29
CA LEU A 334 -18.11 19.84 -11.36
C LEU A 334 -18.09 21.26 -10.81
N LEU A 335 -18.11 21.37 -9.50
CA LEU A 335 -18.10 22.66 -8.82
C LEU A 335 -16.82 22.70 -8.00
N VAL A 336 -16.16 23.85 -7.97
CA VAL A 336 -14.95 24.04 -7.18
C VAL A 336 -15.10 25.39 -6.50
N ILE A 337 -15.36 25.37 -5.19
CA ILE A 337 -15.54 26.59 -4.43
C ILE A 337 -14.22 26.96 -3.77
N THR A 338 -13.74 28.17 -4.07
CA THR A 338 -12.46 28.63 -3.55
C THR A 338 -12.58 29.68 -2.46
N GLY A 339 -11.47 29.88 -1.73
CA GLY A 339 -11.43 30.86 -0.66
C GLY A 339 -12.26 30.51 0.56
N VAL A 340 -12.37 29.22 0.88
CA VAL A 340 -13.16 28.82 2.04
C VAL A 340 -12.32 28.52 3.27
N GLN A 341 -11.03 28.88 3.23
CA GLN A 341 -10.13 28.63 4.35
C GLN A 341 -10.60 29.29 5.65
N SER A 342 -11.27 30.43 5.53
CA SER A 342 -11.76 31.15 6.70
C SER A 342 -12.90 30.42 7.39
N ARG A 343 -13.53 29.49 6.69
CA ARG A 343 -14.64 28.73 7.24
C ARG A 343 -14.27 27.31 7.60
N ILE A 344 -12.97 27.00 7.54
CA ILE A 344 -12.47 25.68 7.86
C ILE A 344 -11.33 25.79 8.86
N GLU A 345 -11.17 24.74 9.67
CA GLU A 345 -10.12 24.70 10.66
C GLU A 345 -9.35 23.40 10.44
N PHE A 346 -8.03 23.49 10.48
CA PHE A 346 -7.17 22.32 10.29
C PHE A 346 -6.85 21.66 11.63
N THR A 347 -7.28 20.42 11.81
CA THR A 347 -7.01 19.68 13.06
C THR A 347 -6.30 18.38 12.69
N ASP A 348 -5.64 17.75 13.67
CA ASP A 348 -4.92 16.51 13.42
C ASP A 348 -5.86 15.35 13.10
N THR A 349 -7.15 15.59 13.25
CA THR A 349 -8.19 14.61 13.00
C THR A 349 -8.92 14.85 11.68
N GLY A 350 -8.63 15.98 11.03
CA GLY A 350 -9.28 16.26 9.77
C GLY A 350 -9.77 17.69 9.69
N LEU A 351 -10.52 18.00 8.64
CA LEU A 351 -11.05 19.34 8.44
C LEU A 351 -12.34 19.50 9.22
N LYS A 352 -12.49 20.65 9.87
CA LYS A 352 -13.70 20.91 10.64
C LYS A 352 -14.28 22.26 10.27
N ARG A 353 -15.59 22.27 10.05
CA ARG A 353 -16.31 23.47 9.69
C ARG A 353 -16.43 24.40 10.88
N LYS A 354 -16.03 25.65 10.72
CA LYS A 354 -16.13 26.63 11.80
C LYS A 354 -17.60 26.88 12.11
N LYS A 355 -17.89 27.55 13.13
N LEU B 22 8.91 -2.36 -24.33
CA LEU B 22 9.09 -1.44 -23.16
C LEU B 22 9.82 -0.15 -23.52
N SER B 23 9.35 0.96 -22.97
CA SER B 23 9.98 2.26 -23.21
C SER B 23 11.33 2.25 -22.51
N PRO B 24 12.31 3.00 -23.04
CA PRO B 24 13.63 3.02 -22.40
C PRO B 24 13.52 3.38 -20.92
N GLU B 25 12.60 4.30 -20.62
CA GLU B 25 12.36 4.75 -19.25
C GLU B 25 12.00 3.58 -18.33
N ASP B 26 11.12 2.71 -18.79
CA ASP B 26 10.72 1.56 -17.98
C ASP B 26 11.85 0.54 -17.89
N LYS B 27 12.56 0.33 -19.00
CA LYS B 27 13.66 -0.62 -19.02
C LYS B 27 14.70 -0.23 -17.98
N GLU B 28 14.91 1.07 -17.82
CA GLU B 28 15.86 1.56 -16.83
C GLU B 28 15.34 1.22 -15.44
N LEU B 29 14.03 1.33 -15.26
CA LEU B 29 13.41 1.00 -13.97
C LEU B 29 13.54 -0.49 -13.71
N LEU B 30 13.34 -1.30 -14.76
CA LEU B 30 13.46 -2.76 -14.61
C LEU B 30 14.85 -3.16 -14.15
N GLU B 31 15.88 -2.66 -14.85
CA GLU B 31 17.25 -2.99 -14.49
C GLU B 31 17.54 -2.58 -13.06
N TYR B 32 17.07 -1.40 -12.67
CA TYR B 32 17.29 -0.93 -11.31
C TYR B 32 16.64 -1.89 -10.32
N LEU B 33 15.36 -2.19 -10.54
CA LEU B 33 14.60 -3.10 -9.68
C LEU B 33 15.37 -4.41 -9.45
N GLN B 34 15.86 -4.98 -10.54
CA GLN B 34 16.61 -6.23 -10.48
C GLN B 34 17.87 -6.03 -9.64
N GLN B 35 18.58 -4.93 -9.89
CA GLN B 35 19.80 -4.60 -9.16
C GLN B 35 19.49 -4.30 -7.69
N THR B 36 18.27 -3.85 -7.41
CA THR B 36 17.82 -3.51 -6.07
C THR B 36 17.45 -4.79 -5.31
N LYS B 37 18.16 -5.86 -5.64
CA LYS B 37 17.96 -7.19 -5.05
C LYS B 37 17.49 -7.21 -3.59
N ALA B 38 16.32 -7.80 -3.36
CA ALA B 38 15.81 -7.94 -1.99
C ALA B 38 16.45 -9.26 -1.55
N LYS B 39 17.45 -9.17 -0.68
CA LYS B 39 18.20 -10.33 -0.19
C LYS B 39 17.51 -11.15 0.90
N ILE B 40 16.91 -12.27 0.51
CA ILE B 40 16.19 -13.14 1.45
C ILE B 40 16.84 -14.52 1.64
N THR B 41 17.07 -14.90 2.90
CA THR B 41 17.65 -16.20 3.23
C THR B 41 16.75 -16.93 4.23
N VAL B 42 16.44 -18.19 3.95
CA VAL B 42 15.62 -18.99 4.85
C VAL B 42 16.51 -20.01 5.55
N VAL B 43 16.50 -20.01 6.88
CA VAL B 43 17.32 -20.94 7.64
C VAL B 43 16.47 -21.94 8.42
N GLY B 44 16.75 -23.23 8.22
CA GLY B 44 16.02 -24.26 8.93
C GLY B 44 16.99 -24.99 9.84
N CYS B 45 16.67 -25.05 11.13
CA CYS B 45 17.52 -25.69 12.13
C CYS B 45 16.91 -26.96 12.71
N GLY B 46 17.73 -27.99 12.88
CA GLY B 46 17.22 -29.23 13.43
C GLY B 46 16.49 -30.07 12.41
N GLY B 47 15.95 -31.20 12.85
CA GLY B 47 15.25 -32.11 11.96
C GLY B 47 14.06 -31.55 11.21
N ALA B 48 13.09 -30.99 11.94
CA ALA B 48 11.91 -30.43 11.29
C ALA B 48 12.34 -29.24 10.43
N GLY B 49 13.26 -28.43 10.94
CA GLY B 49 13.73 -27.30 10.17
C GLY B 49 14.36 -27.76 8.86
N ASN B 50 15.12 -28.84 8.92
CA ASN B 50 15.77 -29.36 7.73
C ASN B 50 14.74 -29.89 6.74
N ASN B 51 13.72 -30.59 7.25
CA ASN B 51 12.68 -31.16 6.38
C ASN B 51 11.93 -30.05 5.65
N THR B 52 11.72 -28.92 6.33
CA THR B 52 11.03 -27.78 5.73
C THR B 52 11.90 -27.23 4.61
N ILE B 53 13.18 -26.99 4.91
CA ILE B 53 14.11 -26.46 3.92
C ILE B 53 14.13 -27.32 2.66
N THR B 54 14.24 -28.64 2.85
CA THR B 54 14.26 -29.57 1.74
C THR B 54 13.10 -29.36 0.76
N ARG B 55 11.90 -29.18 1.30
CA ARG B 55 10.71 -28.98 0.47
C ARG B 55 10.78 -27.66 -0.29
N LEU B 56 11.23 -26.60 0.38
CA LEU B 56 11.35 -25.30 -0.27
C LEU B 56 12.36 -25.34 -1.41
N LYS B 57 13.43 -26.08 -1.22
CA LYS B 57 14.47 -26.20 -2.24
C LYS B 57 13.95 -26.98 -3.45
N MET B 58 13.42 -28.18 -3.20
CA MET B 58 12.90 -29.02 -4.28
C MET B 58 11.76 -28.35 -5.05
N GLU B 59 10.77 -27.82 -4.33
CA GLU B 59 9.64 -27.16 -4.96
C GLU B 59 10.02 -25.75 -5.42
N GLY B 60 11.28 -25.41 -5.25
CA GLY B 60 11.75 -24.10 -5.67
C GLY B 60 11.01 -22.93 -5.05
N ILE B 61 11.66 -22.24 -4.11
CA ILE B 61 11.08 -21.08 -3.46
C ILE B 61 11.68 -19.87 -4.16
N GLU B 62 10.82 -18.97 -4.64
CA GLU B 62 11.26 -17.80 -5.37
C GLU B 62 12.05 -16.74 -4.61
N GLY B 63 13.12 -16.27 -5.24
CA GLY B 63 13.98 -15.23 -4.69
C GLY B 63 14.54 -15.39 -3.29
N ALA B 64 14.81 -16.62 -2.87
CA ALA B 64 15.36 -16.86 -1.53
C ALA B 64 16.43 -17.94 -1.50
N LYS B 65 17.44 -17.71 -0.67
CA LYS B 65 18.52 -18.67 -0.49
C LYS B 65 18.09 -19.58 0.65
N THR B 66 18.47 -20.85 0.60
CA THR B 66 18.10 -21.78 1.67
C THR B 66 19.33 -22.33 2.39
N VAL B 67 19.28 -22.30 3.71
CA VAL B 67 20.37 -22.79 4.54
C VAL B 67 19.86 -23.81 5.56
N ALA B 68 20.47 -24.98 5.56
CA ALA B 68 20.09 -26.05 6.48
C ALA B 68 21.17 -26.22 7.54
N ILE B 69 20.76 -26.20 8.81
CA ILE B 69 21.66 -26.35 9.95
C ILE B 69 21.19 -27.53 10.80
N ASN B 70 22.11 -28.32 11.32
CA ASN B 70 21.74 -29.46 12.16
C ASN B 70 22.97 -30.07 12.83
N THR B 71 22.76 -30.77 13.94
CA THR B 71 23.83 -31.44 14.66
C THR B 71 23.90 -32.89 14.18
N ASP B 72 22.79 -33.36 13.62
CA ASP B 72 22.67 -34.73 13.12
C ASP B 72 23.12 -34.82 11.66
N ALA B 73 24.30 -35.36 11.43
CA ALA B 73 24.83 -35.47 10.06
C ALA B 73 23.93 -36.27 9.12
N GLN B 74 23.28 -37.29 9.67
CA GLN B 74 22.38 -38.14 8.89
C GLN B 74 21.20 -37.38 8.30
N GLN B 75 20.63 -36.47 9.08
CA GLN B 75 19.49 -35.67 8.60
C GLN B 75 19.99 -34.59 7.64
N LEU B 76 21.13 -34.00 7.96
CA LEU B 76 21.68 -32.95 7.12
C LEU B 76 22.02 -33.50 5.73
N ILE B 77 22.66 -34.66 5.68
CA ILE B 77 23.05 -35.26 4.40
C ILE B 77 21.89 -35.51 3.44
N ARG B 78 20.74 -35.93 3.95
CA ARG B 78 19.61 -36.18 3.07
C ARG B 78 18.71 -34.96 2.89
N THR B 79 19.21 -33.80 3.31
CA THR B 79 18.48 -32.55 3.19
C THR B 79 18.93 -31.86 1.89
N LYS B 80 18.01 -31.15 1.24
CA LYS B 80 18.32 -30.42 0.02
C LYS B 80 18.28 -28.93 0.34
N ALA B 81 19.39 -28.23 0.09
CA ALA B 81 19.48 -26.81 0.37
C ALA B 81 20.66 -26.17 -0.35
N ASP B 82 20.63 -24.85 -0.52
CA ASP B 82 21.73 -24.17 -1.19
C ASP B 82 23.00 -24.28 -0.35
N LYS B 83 22.83 -24.34 0.98
CA LYS B 83 23.97 -24.44 1.87
C LYS B 83 23.64 -25.30 3.08
N LYS B 84 24.60 -26.13 3.50
CA LYS B 84 24.42 -27.00 4.66
C LYS B 84 25.54 -26.75 5.64
N ILE B 85 25.19 -26.68 6.92
CA ILE B 85 26.16 -26.46 7.97
C ILE B 85 25.93 -27.46 9.09
N LEU B 86 26.95 -28.28 9.35
CA LEU B 86 26.87 -29.25 10.43
C LEU B 86 27.53 -28.60 11.63
N ILE B 87 26.74 -28.28 12.65
CA ILE B 87 27.28 -27.65 13.85
C ILE B 87 27.48 -28.67 14.96
N GLY B 88 28.28 -28.29 15.95
CA GLY B 88 28.53 -29.17 17.07
C GLY B 88 29.31 -30.44 16.76
N LYS B 89 30.16 -30.38 15.74
CA LYS B 89 30.97 -31.53 15.37
C LYS B 89 31.68 -32.06 16.62
N LYS B 90 32.32 -31.15 17.35
CA LYS B 90 33.05 -31.49 18.56
C LYS B 90 32.15 -31.90 19.71
N LEU B 91 30.99 -31.25 19.80
CA LEU B 91 30.05 -31.49 20.87
C LEU B 91 29.12 -32.69 20.66
N THR B 92 28.78 -32.98 19.42
CA THR B 92 27.86 -34.08 19.16
C THR B 92 28.38 -35.15 18.19
N ARG B 93 29.51 -34.89 17.56
CA ARG B 93 30.09 -35.84 16.62
C ARG B 93 29.11 -36.37 15.59
N GLY B 94 28.33 -35.47 15.00
CA GLY B 94 27.39 -35.89 13.98
C GLY B 94 26.04 -36.40 14.46
N LEU B 95 25.88 -36.59 15.77
CA LEU B 95 24.61 -37.06 16.31
C LEU B 95 23.68 -35.89 16.63
N GLY B 96 22.48 -36.17 17.11
CA GLY B 96 21.57 -35.10 17.45
C GLY B 96 21.90 -34.54 18.82
N ALA B 97 21.15 -33.53 19.27
CA ALA B 97 21.39 -32.93 20.58
C ALA B 97 20.69 -33.68 21.70
N GLY B 98 20.06 -34.81 21.37
CA GLY B 98 19.38 -35.61 22.38
C GLY B 98 18.31 -34.88 23.17
N GLY B 99 17.71 -33.86 22.56
CA GLY B 99 16.65 -33.12 23.21
C GLY B 99 17.10 -32.02 24.15
N ASN B 100 18.40 -31.75 24.18
CA ASN B 100 18.96 -30.74 25.07
C ASN B 100 19.26 -29.42 24.35
N PRO B 101 18.42 -28.40 24.59
CA PRO B 101 18.61 -27.08 23.95
C PRO B 101 19.98 -26.46 24.18
N LYS B 102 20.58 -26.74 25.33
CA LYS B 102 21.91 -26.20 25.64
C LYS B 102 22.93 -26.74 24.67
N ILE B 103 22.79 -28.02 24.31
CA ILE B 103 23.71 -28.62 23.34
C ILE B 103 23.53 -27.89 22.02
N GLY B 104 22.27 -27.68 21.63
CA GLY B 104 22.01 -26.99 20.38
C GLY B 104 22.54 -25.57 20.36
N GLU B 105 22.38 -24.86 21.48
CA GLU B 105 22.85 -23.49 21.60
C GLU B 105 24.37 -23.43 21.46
N GLU B 106 25.05 -24.26 22.26
CA GLU B 106 26.50 -24.33 22.25
C GLU B 106 26.99 -24.65 20.85
N ALA B 107 26.43 -25.71 20.27
CA ALA B 107 26.79 -26.11 18.93
C ALA B 107 26.69 -24.92 17.98
N ALA B 108 25.55 -24.23 18.02
CA ALA B 108 25.34 -23.07 17.14
C ALA B 108 26.44 -22.02 17.37
N LYS B 109 26.76 -21.74 18.63
CA LYS B 109 27.79 -20.76 18.96
C LYS B 109 29.16 -21.22 18.43
N GLU B 110 29.40 -22.53 18.44
CA GLU B 110 30.66 -23.07 17.95
C GLU B 110 30.81 -22.72 16.46
N SER B 111 29.71 -22.75 15.72
CA SER B 111 29.74 -22.46 14.29
C SER B 111 29.21 -21.08 13.95
N ALA B 112 29.21 -20.18 14.93
CA ALA B 112 28.72 -18.83 14.72
C ALA B 112 29.29 -18.21 13.44
N GLU B 113 30.61 -18.29 13.28
CA GLU B 113 31.27 -17.71 12.12
C GLU B 113 30.74 -18.28 10.80
N GLU B 114 30.59 -19.59 10.73
CA GLU B 114 30.10 -20.24 9.52
C GLU B 114 28.67 -19.79 9.23
N ILE B 115 27.86 -19.71 10.28
CA ILE B 115 26.47 -19.29 10.17
C ILE B 115 26.40 -17.86 9.65
N LYS B 116 27.15 -16.97 10.29
CA LYS B 116 27.20 -15.56 9.91
C LYS B 116 27.56 -15.40 8.43
N ALA B 117 28.52 -16.20 7.97
CA ALA B 117 28.97 -16.14 6.58
C ALA B 117 27.86 -16.62 5.66
N ALA B 118 27.06 -17.55 6.15
CA ALA B 118 25.96 -18.12 5.36
C ALA B 118 24.83 -17.13 5.11
N ILE B 119 24.59 -16.20 6.04
CA ILE B 119 23.52 -15.24 5.87
C ILE B 119 24.00 -13.81 5.66
N GLN B 120 25.32 -13.63 5.64
CA GLN B 120 25.92 -12.31 5.44
C GLN B 120 25.27 -11.59 4.25
N ASP B 121 25.12 -10.27 4.40
CA ASP B 121 24.47 -9.41 3.40
C ASP B 121 23.03 -9.75 3.04
N SER B 122 22.30 -10.34 3.98
CA SER B 122 20.89 -10.67 3.75
C SER B 122 20.08 -9.47 4.22
N ASP B 123 19.09 -9.09 3.44
CA ASP B 123 18.25 -7.98 3.85
C ASP B 123 17.23 -8.51 4.86
N MET B 124 16.83 -9.76 4.66
CA MET B 124 15.86 -10.40 5.53
C MET B 124 16.20 -11.88 5.69
N VAL B 125 16.07 -12.37 6.92
CA VAL B 125 16.36 -13.77 7.22
C VAL B 125 15.22 -14.45 7.96
N PHE B 126 14.73 -15.54 7.37
CA PHE B 126 13.67 -16.32 8.00
C PHE B 126 14.33 -17.51 8.70
N ILE B 127 13.95 -17.73 9.96
CA ILE B 127 14.48 -18.83 10.75
C ILE B 127 13.29 -19.73 11.09
N THR B 128 13.33 -20.97 10.63
CA THR B 128 12.23 -21.88 10.88
C THR B 128 12.72 -23.17 11.50
N CYS B 129 11.93 -23.73 12.41
CA CYS B 129 12.30 -24.98 13.06
C CYS B 129 11.12 -25.44 13.89
N GLY B 130 11.20 -26.67 14.38
CA GLY B 130 10.14 -27.18 15.24
C GLY B 130 10.70 -27.05 16.63
N LEU B 131 10.10 -26.22 17.47
CA LEU B 131 10.61 -26.07 18.83
C LEU B 131 10.28 -27.33 19.64
N GLY B 132 11.12 -27.64 20.61
CA GLY B 132 10.90 -28.80 21.45
C GLY B 132 12.12 -29.69 21.55
N GLY B 133 12.93 -29.72 20.50
CA GLY B 133 14.13 -30.54 20.52
C GLY B 133 15.31 -29.75 21.04
N GLY B 134 16.51 -30.33 20.91
CA GLY B 134 17.69 -29.64 21.38
C GLY B 134 18.38 -28.75 20.35
N THR B 135 18.40 -29.20 19.09
CA THR B 135 19.07 -28.44 18.02
C THR B 135 18.30 -27.20 17.55
N GLY B 136 17.03 -27.40 17.19
CA GLY B 136 16.23 -26.26 16.74
C GLY B 136 15.99 -25.26 17.84
N THR B 137 15.53 -25.76 18.98
CA THR B 137 15.25 -24.90 20.12
C THR B 137 16.48 -24.13 20.57
N GLY B 138 17.62 -24.82 20.63
CA GLY B 138 18.85 -24.20 21.05
C GLY B 138 19.59 -23.34 20.05
N SER B 139 19.58 -23.74 18.76
CA SER B 139 20.31 -22.96 17.75
C SER B 139 19.57 -21.82 17.05
N ALA B 140 18.24 -21.87 17.00
CA ALA B 140 17.48 -20.83 16.34
C ALA B 140 17.70 -19.43 16.93
N PRO B 141 17.71 -19.31 18.27
CA PRO B 141 17.93 -17.99 18.86
C PRO B 141 19.31 -17.47 18.52
N VAL B 142 20.27 -18.39 18.37
CA VAL B 142 21.64 -18.02 18.01
C VAL B 142 21.67 -17.50 16.58
N VAL B 143 21.02 -18.21 15.66
CA VAL B 143 20.98 -17.76 14.27
C VAL B 143 20.28 -16.40 14.22
N ALA B 144 19.29 -16.23 15.09
CA ALA B 144 18.53 -14.99 15.15
C ALA B 144 19.42 -13.82 15.61
N GLU B 145 20.20 -14.04 16.68
CA GLU B 145 21.08 -13.00 17.19
C GLU B 145 22.07 -12.59 16.11
N ILE B 146 22.69 -13.59 15.48
CA ILE B 146 23.66 -13.30 14.42
C ILE B 146 22.97 -12.52 13.30
N SER B 147 21.71 -12.84 13.03
CA SER B 147 20.95 -12.18 11.97
C SER B 147 20.77 -10.70 12.24
N LYS B 148 20.48 -10.35 13.49
CA LYS B 148 20.29 -8.95 13.83
C LYS B 148 21.63 -8.22 13.83
N LYS B 149 22.68 -8.90 14.27
CA LYS B 149 24.00 -8.29 14.29
C LYS B 149 24.39 -7.80 12.90
N ILE B 150 24.04 -8.57 11.87
CA ILE B 150 24.37 -8.17 10.50
C ILE B 150 23.33 -7.21 9.92
N GLY B 151 22.40 -6.77 10.76
CA GLY B 151 21.36 -5.84 10.34
C GLY B 151 20.25 -6.32 9.43
N ALA B 152 19.99 -7.63 9.39
CA ALA B 152 18.92 -8.14 8.53
C ALA B 152 17.58 -8.15 9.28
N LEU B 153 16.48 -8.03 8.54
CA LEU B 153 15.16 -8.08 9.15
C LEU B 153 15.07 -9.53 9.60
N THR B 154 14.98 -9.76 10.91
CA THR B 154 14.96 -11.11 11.46
C THR B 154 13.58 -11.67 11.79
N VAL B 155 13.16 -12.67 11.04
CA VAL B 155 11.84 -13.27 11.24
C VAL B 155 11.89 -14.77 11.47
N ALA B 156 11.27 -15.22 12.56
CA ALA B 156 11.23 -16.65 12.86
C ALA B 156 9.82 -17.18 12.63
N VAL B 157 9.75 -18.40 12.11
CA VAL B 157 8.47 -19.07 11.88
C VAL B 157 8.71 -20.43 12.52
N VAL B 158 8.13 -20.63 13.69
CA VAL B 158 8.34 -21.87 14.41
C VAL B 158 7.06 -22.55 14.87
N THR B 159 7.18 -23.83 15.19
CA THR B 159 6.02 -24.58 15.67
C THR B 159 6.23 -25.01 17.12
N LEU B 160 5.11 -25.20 17.82
CA LEU B 160 5.11 -25.65 19.20
C LEU B 160 4.70 -27.13 19.08
N PRO B 161 5.30 -28.01 19.89
CA PRO B 161 4.98 -29.44 19.84
C PRO B 161 3.55 -29.81 20.22
N PHE B 162 3.11 -31.00 19.80
CA PHE B 162 1.78 -31.50 20.12
C PHE B 162 1.79 -31.80 21.62
N VAL B 163 0.64 -31.86 22.26
CA VAL B 163 0.60 -32.16 23.69
C VAL B 163 1.02 -33.61 23.96
N MET B 164 0.78 -34.48 22.98
CA MET B 164 1.13 -35.89 23.10
C MET B 164 2.64 -36.09 23.23
N GLU B 165 3.42 -35.06 22.91
CA GLU B 165 4.87 -35.19 23.00
C GLU B 165 5.40 -35.05 24.43
N GLY B 166 4.54 -34.64 25.36
CA GLY B 166 4.99 -34.54 26.74
C GLY B 166 5.26 -33.13 27.22
N LYS B 167 5.31 -32.97 28.54
CA LYS B 167 5.53 -31.67 29.15
C LYS B 167 6.94 -31.11 29.02
N VAL B 168 7.94 -31.96 28.97
CA VAL B 168 9.30 -31.48 28.81
C VAL B 168 9.53 -30.84 27.44
N ARG B 169 9.03 -31.46 26.37
CA ARG B 169 9.19 -30.92 25.02
C ARG B 169 8.57 -29.55 24.93
N MET B 170 7.36 -29.42 25.47
CA MET B 170 6.65 -28.14 25.46
C MET B 170 7.39 -27.13 26.33
N LYS B 171 7.90 -27.60 27.47
CA LYS B 171 8.63 -26.73 28.38
C LYS B 171 9.86 -26.20 27.67
N ASN B 172 10.58 -27.08 26.99
CA ASN B 172 11.76 -26.63 26.25
C ASN B 172 11.34 -25.69 25.12
N ALA B 173 10.21 -25.99 24.48
CA ALA B 173 9.72 -25.14 23.38
C ALA B 173 9.42 -23.74 23.87
N MET B 174 8.71 -23.63 24.99
CA MET B 174 8.36 -22.33 25.56
C MET B 174 9.60 -21.55 25.95
N GLU B 175 10.61 -22.26 26.45
CA GLU B 175 11.85 -21.63 26.84
C GLU B 175 12.52 -21.07 25.59
N GLY B 176 12.51 -21.84 24.50
CA GLY B 176 13.10 -21.39 23.26
C GLY B 176 12.39 -20.18 22.71
N LEU B 177 11.08 -20.13 22.92
CA LEU B 177 10.27 -18.99 22.47
C LEU B 177 10.68 -17.78 23.28
N GLU B 178 11.11 -18.02 24.52
CA GLU B 178 11.54 -16.97 25.42
C GLU B 178 12.86 -16.38 24.93
N ARG B 179 13.78 -17.25 24.52
CA ARG B 179 15.09 -16.82 24.04
C ARG B 179 15.04 -16.28 22.62
N LEU B 180 14.06 -16.72 21.85
CA LEU B 180 13.93 -16.31 20.47
C LEU B 180 13.39 -14.89 20.30
N LYS B 181 12.44 -14.49 21.15
CA LYS B 181 11.84 -13.17 21.04
C LYS B 181 12.74 -12.03 21.48
N GLN B 182 13.97 -12.37 21.85
CA GLN B 182 14.91 -11.35 22.28
C GLN B 182 15.88 -11.04 21.15
N HIS B 183 15.73 -11.75 20.03
CA HIS B 183 16.59 -11.56 18.87
C HIS B 183 15.78 -11.56 17.58
N THR B 184 14.45 -11.60 17.69
CA THR B 184 13.61 -11.62 16.48
C THR B 184 12.80 -10.34 16.35
N ASP B 185 12.63 -9.88 15.11
CA ASP B 185 11.84 -8.68 14.88
C ASP B 185 10.37 -9.08 14.91
N THR B 186 10.07 -10.23 14.31
CA THR B 186 8.72 -10.79 14.31
C THR B 186 8.87 -12.28 14.59
N LEU B 187 8.10 -12.80 15.52
CA LEU B 187 8.15 -14.21 15.89
C LEU B 187 6.81 -14.90 15.60
N VAL B 188 6.74 -15.58 14.46
CA VAL B 188 5.52 -16.29 14.07
C VAL B 188 5.48 -17.67 14.72
N VAL B 189 4.46 -17.94 15.53
CA VAL B 189 4.34 -19.22 16.21
C VAL B 189 3.13 -20.06 15.77
N ILE B 190 3.38 -21.30 15.40
CA ILE B 190 2.32 -22.21 14.96
C ILE B 190 2.15 -23.37 15.95
N PRO B 191 1.01 -23.42 16.65
CA PRO B 191 0.74 -24.48 17.63
C PRO B 191 0.27 -25.75 16.94
N ASN B 192 1.12 -26.77 16.87
CA ASN B 192 0.77 -28.02 16.21
C ASN B 192 -0.46 -28.69 16.81
N GLU B 193 -0.71 -28.45 18.10
CA GLU B 193 -1.87 -29.04 18.78
C GLU B 193 -3.16 -28.61 18.12
N LYS B 194 -3.24 -27.34 17.73
CA LYS B 194 -4.44 -26.80 17.09
C LYS B 194 -4.79 -27.47 15.77
N LEU B 195 -3.84 -28.24 15.24
CA LEU B 195 -4.05 -28.94 13.97
C LEU B 195 -5.15 -30.00 14.08
N PHE B 196 -5.38 -30.48 15.30
CA PHE B 196 -6.42 -31.49 15.51
C PHE B 196 -7.81 -30.89 15.36
N GLU B 197 -7.89 -29.56 15.45
CA GLU B 197 -9.17 -28.86 15.29
C GLU B 197 -9.43 -28.67 13.79
N ILE B 198 -8.39 -28.87 12.99
CA ILE B 198 -8.50 -28.75 11.53
C ILE B 198 -8.82 -30.12 10.95
N VAL B 199 -8.07 -31.13 11.37
CA VAL B 199 -8.28 -32.49 10.91
C VAL B 199 -8.30 -33.46 12.10
N PRO B 200 -9.48 -33.69 12.66
CA PRO B 200 -9.69 -34.58 13.82
C PRO B 200 -9.27 -36.02 13.57
N ASN B 201 -9.14 -36.79 14.64
CA ASN B 201 -8.75 -38.19 14.55
C ASN B 201 -7.64 -38.34 13.53
N MET B 202 -6.47 -37.79 13.85
CA MET B 202 -5.33 -37.83 12.95
C MET B 202 -4.24 -38.73 13.53
N PRO B 203 -3.76 -39.71 12.74
CA PRO B 203 -2.72 -40.65 13.16
C PRO B 203 -1.40 -39.94 13.47
N LEU B 204 -0.50 -40.64 14.16
CA LEU B 204 0.80 -40.08 14.53
C LEU B 204 1.54 -39.59 13.29
N LYS B 205 1.77 -40.50 12.35
CA LYS B 205 2.48 -40.18 11.12
C LYS B 205 1.84 -39.01 10.36
N LEU B 206 0.55 -39.13 10.08
CA LEU B 206 -0.17 -38.08 9.37
C LEU B 206 -0.12 -36.75 10.10
N ALA B 207 -0.05 -36.78 11.43
CA ALA B 207 0.00 -35.57 12.24
C ALA B 207 1.17 -34.68 11.85
N PHE B 208 2.35 -35.28 11.74
CA PHE B 208 3.54 -34.54 11.36
C PHE B 208 3.60 -34.21 9.88
N LYS B 209 2.93 -35.01 9.05
CA LYS B 209 2.91 -34.73 7.62
C LYS B 209 2.06 -33.50 7.41
N VAL B 210 1.04 -33.34 8.26
CA VAL B 210 0.14 -32.20 8.19
C VAL B 210 0.82 -30.96 8.75
N ALA B 211 1.71 -31.16 9.72
CA ALA B 211 2.45 -30.04 10.31
C ALA B 211 3.44 -29.52 9.27
N ASP B 212 4.03 -30.45 8.51
CA ASP B 212 4.98 -30.08 7.45
C ASP B 212 4.33 -29.15 6.45
N GLU B 213 3.14 -29.53 6.01
CA GLU B 213 2.37 -28.77 5.02
C GLU B 213 2.09 -27.37 5.52
N VAL B 214 1.62 -27.28 6.75
CA VAL B 214 1.32 -25.98 7.33
C VAL B 214 2.57 -25.12 7.40
N LEU B 215 3.65 -25.71 7.91
CA LEU B 215 4.93 -25.01 8.02
C LEU B 215 5.38 -24.48 6.66
N ILE B 216 5.35 -25.35 5.65
CA ILE B 216 5.74 -24.98 4.30
C ILE B 216 4.88 -23.86 3.73
N ASN B 217 3.56 -24.01 3.81
CA ASN B 217 2.66 -22.98 3.30
C ASN B 217 2.89 -21.66 4.03
N ALA B 218 3.22 -21.74 5.31
CA ALA B 218 3.46 -20.54 6.11
C ALA B 218 4.73 -19.81 5.68
N VAL B 219 5.87 -20.53 5.70
CA VAL B 219 7.14 -19.92 5.30
C VAL B 219 7.16 -19.52 3.83
N LYS B 220 6.71 -20.43 2.96
CA LYS B 220 6.70 -20.15 1.53
C LYS B 220 5.71 -19.04 1.20
N GLY B 221 4.57 -19.05 1.89
CA GLY B 221 3.57 -18.02 1.67
C GLY B 221 4.09 -16.64 2.06
N LEU B 222 4.78 -16.55 3.18
CA LEU B 222 5.32 -15.28 3.64
C LEU B 222 6.47 -14.80 2.75
N VAL B 223 7.41 -15.69 2.49
CA VAL B 223 8.56 -15.32 1.67
C VAL B 223 8.13 -14.85 0.28
N GLU B 224 7.39 -15.69 -0.43
CA GLU B 224 6.95 -15.36 -1.79
C GLU B 224 6.00 -14.17 -1.83
N LEU B 225 5.48 -13.78 -0.68
CA LEU B 225 4.59 -12.63 -0.61
C LEU B 225 5.47 -11.41 -0.88
N ILE B 226 6.74 -11.56 -0.56
CA ILE B 226 7.71 -10.50 -0.70
C ILE B 226 8.54 -10.58 -1.97
N THR B 227 8.78 -11.80 -2.45
CA THR B 227 9.63 -12.01 -3.62
C THR B 227 8.98 -12.38 -4.94
N LYS B 228 7.79 -12.97 -4.90
CA LYS B 228 7.11 -13.36 -6.13
C LYS B 228 6.26 -12.23 -6.71
N ASP B 229 6.53 -11.86 -7.95
CA ASP B 229 5.74 -10.79 -8.56
C ASP B 229 4.33 -11.31 -8.83
N GLY B 230 3.34 -10.50 -8.47
CA GLY B 230 1.95 -10.89 -8.65
C GLY B 230 1.11 -9.78 -9.26
N LEU B 231 -0.21 -9.92 -9.13
CA LEU B 231 -1.14 -8.95 -9.67
C LEU B 231 -0.91 -7.53 -9.14
N ILE B 232 -0.28 -7.43 -7.99
CA ILE B 232 -0.01 -6.12 -7.41
C ILE B 232 1.34 -6.19 -6.69
N ASN B 233 2.03 -5.06 -6.57
CA ASN B 233 3.33 -5.11 -5.91
C ASN B 233 3.31 -4.89 -4.40
N VAL B 234 4.20 -5.61 -3.72
CA VAL B 234 4.34 -5.50 -2.28
C VAL B 234 5.67 -4.80 -2.02
N ASP B 235 5.62 -3.63 -1.39
CA ASP B 235 6.83 -2.86 -1.12
C ASP B 235 7.59 -3.33 0.11
N PHE B 236 8.90 -3.55 -0.05
CA PHE B 236 9.71 -4.01 1.07
C PHE B 236 9.78 -2.98 2.20
N ALA B 237 9.69 -1.69 1.89
CA ALA B 237 9.74 -0.68 2.94
C ALA B 237 8.54 -0.85 3.87
N ASP B 238 7.44 -1.40 3.35
CA ASP B 238 6.25 -1.64 4.17
C ASP B 238 6.46 -2.89 5.03
N VAL B 239 7.07 -3.91 4.44
CA VAL B 239 7.34 -5.14 5.17
C VAL B 239 8.16 -4.76 6.39
N LYS B 240 9.19 -3.94 6.16
CA LYS B 240 10.06 -3.46 7.23
C LYS B 240 9.24 -2.75 8.32
N ALA B 241 8.36 -1.85 7.89
CA ALA B 241 7.53 -1.10 8.82
C ALA B 241 6.62 -1.99 9.67
N VAL B 242 6.03 -3.00 9.05
CA VAL B 242 5.14 -3.91 9.76
C VAL B 242 5.84 -5.01 10.54
N MET B 243 6.98 -5.48 10.05
CA MET B 243 7.69 -6.57 10.72
C MET B 243 8.90 -6.22 11.58
N ASN B 244 9.34 -4.97 11.51
CA ASN B 244 10.50 -4.57 12.30
C ASN B 244 10.20 -4.77 13.77
N ASN B 245 8.94 -4.57 14.15
CA ASN B 245 8.50 -4.74 15.53
C ASN B 245 7.15 -5.45 15.52
N GLY B 246 7.11 -6.62 14.91
CA GLY B 246 5.87 -7.37 14.82
C GLY B 246 5.56 -8.21 16.06
N GLY B 247 6.45 -8.17 17.05
CA GLY B 247 6.24 -8.93 18.27
C GLY B 247 5.93 -10.40 18.01
N LEU B 248 4.90 -10.90 18.67
CA LEU B 248 4.45 -12.29 18.49
C LEU B 248 3.39 -12.28 17.40
N ALA B 249 3.47 -13.23 16.49
CA ALA B 249 2.50 -13.31 15.40
C ALA B 249 1.94 -14.71 15.24
N MET B 250 0.72 -14.78 14.73
CA MET B 250 0.09 -16.07 14.51
C MET B 250 -0.52 -16.07 13.12
N ILE B 251 -0.77 -17.26 12.57
CA ILE B 251 -1.31 -17.34 11.23
C ILE B 251 -2.70 -17.95 11.10
N GLY B 252 -3.27 -17.73 9.93
CA GLY B 252 -4.58 -18.26 9.62
C GLY B 252 -4.49 -18.67 8.17
N ILE B 253 -4.94 -19.87 7.86
CA ILE B 253 -4.91 -20.36 6.50
C ILE B 253 -6.30 -20.80 6.07
N GLY B 254 -6.68 -20.40 4.86
CA GLY B 254 -7.99 -20.77 4.34
C GLY B 254 -7.97 -20.87 2.83
N GLU B 255 -8.91 -21.62 2.28
CA GLU B 255 -8.99 -21.76 0.84
C GLU B 255 -10.38 -22.20 0.47
N SER B 256 -10.79 -21.87 -0.75
CA SER B 256 -12.11 -22.24 -1.22
C SER B 256 -12.15 -22.50 -2.71
N ASP B 257 -13.16 -23.28 -3.11
CA ASP B 257 -13.38 -23.69 -4.48
C ASP B 257 -14.65 -23.11 -5.08
N SER B 258 -15.63 -22.80 -4.22
CA SER B 258 -16.92 -22.26 -4.63
C SER B 258 -16.90 -21.01 -5.51
N GLU B 259 -18.10 -20.50 -5.79
CA GLU B 259 -18.31 -19.32 -6.61
C GLU B 259 -17.78 -18.08 -5.90
N LYS B 260 -17.90 -18.08 -4.57
CA LYS B 260 -17.43 -16.97 -3.75
C LYS B 260 -16.18 -17.45 -3.02
N ARG B 261 -15.27 -18.04 -3.79
CA ARG B 261 -14.03 -18.60 -3.26
C ARG B 261 -13.18 -17.65 -2.41
N ALA B 262 -13.10 -16.39 -2.81
CA ALA B 262 -12.28 -15.44 -2.05
C ALA B 262 -12.94 -15.17 -0.72
N LYS B 263 -14.26 -15.02 -0.76
CA LYS B 263 -15.03 -14.74 0.45
C LYS B 263 -14.93 -15.89 1.45
N GLU B 264 -15.04 -17.12 0.97
CA GLU B 264 -14.98 -18.27 1.84
C GLU B 264 -13.55 -18.56 2.30
N ALA B 265 -12.58 -18.23 1.46
CA ALA B 265 -11.19 -18.44 1.83
C ALA B 265 -10.78 -17.55 3.00
N VAL B 266 -11.14 -16.27 2.96
CA VAL B 266 -10.76 -15.36 4.05
C VAL B 266 -11.44 -15.69 5.37
N SER B 267 -12.72 -16.06 5.32
CA SER B 267 -13.43 -16.40 6.55
C SER B 267 -12.81 -17.68 7.14
N MET B 268 -12.48 -18.64 6.30
CA MET B 268 -11.86 -19.87 6.79
C MET B 268 -10.52 -19.51 7.44
N ALA B 269 -9.83 -18.53 6.87
CA ALA B 269 -8.55 -18.08 7.40
C ALA B 269 -8.74 -17.40 8.74
N LEU B 270 -9.73 -16.52 8.82
CA LEU B 270 -10.05 -15.79 10.04
C LEU B 270 -10.64 -16.69 11.12
N ASN B 271 -11.16 -17.85 10.73
CA ASN B 271 -11.72 -18.81 11.67
C ASN B 271 -10.71 -19.92 11.93
N SER B 272 -9.52 -19.77 11.38
CA SER B 272 -8.51 -20.80 11.54
C SER B 272 -8.11 -21.06 12.99
N PRO B 273 -8.07 -22.34 13.38
CA PRO B 273 -7.69 -22.68 14.75
C PRO B 273 -6.21 -22.32 15.02
N LEU B 274 -5.47 -21.98 13.96
CA LEU B 274 -4.07 -21.62 14.11
C LEU B 274 -4.03 -20.16 14.58
N LEU B 275 -5.16 -19.46 14.40
CA LEU B 275 -5.31 -18.06 14.78
C LEU B 275 -6.28 -17.93 15.94
N ASP B 276 -6.18 -18.83 16.92
CA ASP B 276 -7.07 -18.78 18.08
C ASP B 276 -6.59 -17.66 19.02
N VAL B 277 -6.94 -16.42 18.68
CA VAL B 277 -6.54 -15.27 19.48
C VAL B 277 -7.32 -14.04 19.04
N ASP B 278 -7.38 -13.03 19.89
CA ASP B 278 -8.07 -11.80 19.56
C ASP B 278 -7.13 -10.97 18.71
N ILE B 279 -7.61 -10.51 17.56
CA ILE B 279 -6.80 -9.71 16.65
C ILE B 279 -7.20 -8.24 16.62
N ASP B 280 -8.25 -7.90 17.36
CA ASP B 280 -8.73 -6.53 17.43
C ASP B 280 -7.65 -5.59 17.97
N GLY B 281 -6.67 -6.15 18.67
CA GLY B 281 -5.59 -5.34 19.22
C GLY B 281 -4.30 -5.51 18.44
N ALA B 282 -4.41 -6.15 17.26
CA ALA B 282 -3.26 -6.40 16.40
C ALA B 282 -2.64 -5.12 15.85
N THR B 283 -1.32 -5.12 15.73
CA THR B 283 -0.58 -3.98 15.23
C THR B 283 -0.49 -3.97 13.71
N GLY B 284 -0.78 -5.12 13.10
CA GLY B 284 -0.70 -5.21 11.66
C GLY B 284 -0.99 -6.59 11.11
N ALA B 285 -0.90 -6.73 9.80
CA ALA B 285 -1.17 -8.00 9.16
C ALA B 285 -0.53 -8.05 7.79
N LEU B 286 -0.15 -9.26 7.40
CA LEU B 286 0.40 -9.48 6.07
C LEU B 286 -0.61 -10.44 5.47
N ILE B 287 -1.13 -10.08 4.30
CA ILE B 287 -2.12 -10.92 3.64
C ILE B 287 -1.64 -11.36 2.29
N HIS B 288 -1.53 -12.67 2.08
CA HIS B 288 -1.10 -13.19 0.80
C HIS B 288 -2.22 -13.98 0.18
N VAL B 289 -2.80 -13.44 -0.88
CA VAL B 289 -3.87 -14.12 -1.58
C VAL B 289 -3.23 -14.85 -2.75
N MET B 290 -3.45 -16.16 -2.84
CA MET B 290 -2.91 -16.95 -3.93
C MET B 290 -4.04 -17.60 -4.69
N GLY B 291 -3.94 -17.63 -6.02
CA GLY B 291 -5.00 -18.22 -6.81
C GLY B 291 -4.58 -18.67 -8.19
N PRO B 292 -5.50 -19.27 -8.96
CA PRO B 292 -5.23 -19.75 -10.32
C PRO B 292 -5.17 -18.58 -11.30
N GLU B 293 -5.04 -18.89 -12.59
CA GLU B 293 -4.92 -17.87 -13.62
C GLU B 293 -5.98 -16.77 -13.65
N ASP B 294 -7.21 -17.08 -13.28
CA ASP B 294 -8.26 -16.05 -13.29
C ASP B 294 -8.37 -15.23 -12.01
N LEU B 295 -7.37 -15.32 -11.14
CA LEU B 295 -7.40 -14.53 -9.91
C LEU B 295 -7.43 -13.05 -10.27
N THR B 296 -8.32 -12.29 -9.63
CA THR B 296 -8.45 -10.86 -9.91
C THR B 296 -8.13 -10.01 -8.70
N LEU B 297 -7.91 -8.71 -8.92
CA LEU B 297 -7.62 -7.78 -7.85
C LEU B 297 -8.89 -7.52 -7.04
N GLU B 298 -10.04 -7.76 -7.66
CA GLU B 298 -11.30 -7.55 -6.97
C GLU B 298 -11.36 -8.53 -5.80
N GLU B 299 -11.07 -9.80 -6.08
CA GLU B 299 -11.08 -10.84 -5.05
C GLU B 299 -10.07 -10.55 -3.95
N ALA B 300 -8.86 -10.19 -4.33
CA ALA B 300 -7.81 -9.89 -3.37
C ALA B 300 -8.28 -8.76 -2.46
N ARG B 301 -8.87 -7.76 -3.08
CA ARG B 301 -9.37 -6.60 -2.34
C ARG B 301 -10.50 -6.98 -1.38
N GLU B 302 -11.36 -7.92 -1.77
CA GLU B 302 -12.43 -8.33 -0.90
C GLU B 302 -11.80 -9.01 0.34
N VAL B 303 -10.73 -9.74 0.11
CA VAL B 303 -10.02 -10.43 1.19
C VAL B 303 -9.49 -9.39 2.17
N VAL B 304 -8.74 -8.42 1.64
CA VAL B 304 -8.17 -7.35 2.46
C VAL B 304 -9.23 -6.58 3.23
N ALA B 305 -10.32 -6.25 2.54
CA ALA B 305 -11.40 -5.50 3.17
C ALA B 305 -11.98 -6.27 4.37
N THR B 306 -12.16 -7.58 4.18
CA THR B 306 -12.72 -8.41 5.24
C THR B 306 -11.85 -8.46 6.48
N VAL B 307 -10.54 -8.58 6.29
CA VAL B 307 -9.60 -8.64 7.42
C VAL B 307 -9.50 -7.26 8.07
N SER B 308 -9.38 -6.26 7.23
CA SER B 308 -9.27 -4.87 7.64
C SER B 308 -10.26 -4.44 8.71
N SER B 309 -11.51 -4.89 8.56
CA SER B 309 -12.54 -4.51 9.52
C SER B 309 -12.42 -5.23 10.86
N ARG B 310 -11.59 -6.26 10.93
CA ARG B 310 -11.42 -7.00 12.17
C ARG B 310 -10.29 -6.40 13.00
N LEU B 311 -9.45 -5.61 12.35
CA LEU B 311 -8.30 -5.03 13.03
C LEU B 311 -8.52 -3.58 13.45
N ASP B 312 -7.62 -3.09 14.29
CA ASP B 312 -7.69 -1.73 14.75
C ASP B 312 -7.44 -0.87 13.50
N PRO B 313 -8.25 0.18 13.28
CA PRO B 313 -8.03 1.01 12.10
C PRO B 313 -6.60 1.54 12.00
N ASN B 314 -5.86 1.50 13.10
CA ASN B 314 -4.49 1.98 13.13
C ASN B 314 -3.46 0.93 12.67
N ALA B 315 -3.86 -0.34 12.66
CA ALA B 315 -2.96 -1.41 12.24
C ALA B 315 -2.53 -1.23 10.78
N THR B 316 -1.28 -1.62 10.49
CA THR B 316 -0.74 -1.52 9.13
C THR B 316 -0.95 -2.84 8.41
N ILE B 317 -1.58 -2.77 7.23
CA ILE B 317 -1.86 -3.96 6.43
C ILE B 317 -1.10 -3.98 5.12
N ILE B 318 -0.34 -5.03 4.91
CA ILE B 318 0.42 -5.20 3.69
C ILE B 318 -0.17 -6.42 3.02
N TRP B 319 -0.42 -6.33 1.71
CA TRP B 319 -1.04 -7.44 1.01
C TRP B 319 -0.57 -7.62 -0.43
N GLY B 320 -0.69 -8.85 -0.90
CA GLY B 320 -0.31 -9.17 -2.25
C GLY B 320 -1.20 -10.26 -2.81
N ALA B 321 -1.10 -10.49 -4.11
CA ALA B 321 -1.89 -11.51 -4.76
C ALA B 321 -1.04 -12.11 -5.86
N THR B 322 -0.83 -13.42 -5.80
CA THR B 322 -0.01 -14.08 -6.80
C THR B 322 -0.72 -15.26 -7.44
N ILE B 323 -0.25 -15.64 -8.63
CA ILE B 323 -0.83 -16.75 -9.38
C ILE B 323 -0.03 -18.04 -9.21
N ASP B 324 -0.73 -19.10 -8.84
CA ASP B 324 -0.11 -20.42 -8.68
C ASP B 324 -0.89 -21.40 -9.55
N GLU B 325 -0.33 -21.75 -10.70
CA GLU B 325 -0.97 -22.68 -11.63
C GLU B 325 -1.44 -23.98 -10.98
N ASN B 326 -0.67 -24.48 -10.03
CA ASN B 326 -1.01 -25.72 -9.34
C ASN B 326 -2.20 -25.60 -8.40
N LEU B 327 -2.94 -24.50 -8.52
CA LEU B 327 -4.10 -24.26 -7.68
C LEU B 327 -5.41 -24.63 -8.36
N GLU B 328 -5.36 -24.82 -9.68
CA GLU B 328 -6.53 -25.19 -10.47
C GLU B 328 -7.65 -24.15 -10.41
N ASN B 329 -8.55 -24.29 -9.46
CA ASN B 329 -9.64 -23.33 -9.32
C ASN B 329 -9.84 -22.94 -7.87
N THR B 330 -8.80 -23.11 -7.07
CA THR B 330 -8.87 -22.78 -5.66
C THR B 330 -8.05 -21.55 -5.28
N VAL B 331 -8.67 -20.68 -4.49
CA VAL B 331 -7.99 -19.49 -3.98
C VAL B 331 -7.56 -19.81 -2.56
N ARG B 332 -6.33 -19.46 -2.22
CA ARG B 332 -5.80 -19.72 -0.90
C ARG B 332 -5.44 -18.42 -0.22
N VAL B 333 -5.75 -18.32 1.07
CA VAL B 333 -5.41 -17.12 1.81
C VAL B 333 -4.53 -17.41 3.00
N LEU B 334 -3.39 -16.71 3.07
CA LEU B 334 -2.50 -16.85 4.19
C LEU B 334 -2.58 -15.53 4.94
N LEU B 335 -2.82 -15.62 6.23
CA LEU B 335 -2.94 -14.45 7.09
C LEU B 335 -1.84 -14.53 8.13
N VAL B 336 -1.21 -13.40 8.44
CA VAL B 336 -0.18 -13.34 9.46
C VAL B 336 -0.43 -12.08 10.27
N ILE B 337 -0.98 -12.27 11.46
CA ILE B 337 -1.32 -11.16 12.35
C ILE B 337 -0.21 -10.90 13.36
N THR B 338 0.25 -9.65 13.41
CA THR B 338 1.34 -9.27 14.30
C THR B 338 0.87 -8.51 15.55
N GLY B 339 1.74 -8.51 16.57
CA GLY B 339 1.47 -7.81 17.80
C GLY B 339 0.37 -8.36 18.68
N VAL B 340 0.22 -9.68 18.73
CA VAL B 340 -0.83 -10.28 19.55
C VAL B 340 -0.38 -10.87 20.87
N GLN B 341 0.87 -10.63 21.26
CA GLN B 341 1.39 -11.18 22.52
C GLN B 341 0.52 -10.86 23.74
N SER B 342 0.01 -9.64 23.83
CA SER B 342 -0.82 -9.24 24.96
C SER B 342 -2.15 -10.00 25.03
N ARG B 343 -2.55 -10.65 23.95
CA ARG B 343 -3.80 -11.42 23.93
C ARG B 343 -3.55 -12.91 24.08
N ILE B 344 -2.34 -13.27 24.47
CA ILE B 344 -2.01 -14.66 24.63
C ILE B 344 -1.28 -14.96 25.95
N GLU B 345 -1.65 -16.07 26.57
CA GLU B 345 -1.00 -16.48 27.81
C GLU B 345 -0.08 -17.65 27.47
N PHE B 346 1.16 -17.60 27.97
CA PHE B 346 2.14 -18.63 27.71
C PHE B 346 2.12 -19.63 28.87
N THR B 347 1.65 -20.83 28.59
CA THR B 347 1.54 -21.85 29.63
C THR B 347 2.30 -23.14 29.36
N ASP B 348 2.19 -24.09 30.29
CA ASP B 348 2.88 -25.38 30.18
C ASP B 348 2.33 -26.29 29.10
N THR B 349 1.11 -26.01 28.65
CA THR B 349 0.51 -26.81 27.59
C THR B 349 0.51 -26.00 26.30
N GLY B 350 1.30 -24.93 26.28
CA GLY B 350 1.40 -24.09 25.10
C GLY B 350 0.74 -22.74 25.23
N LEU B 351 0.21 -22.26 24.11
CA LEU B 351 -0.45 -20.97 24.06
C LEU B 351 -1.94 -21.09 24.39
N LYS B 352 -2.45 -20.11 25.12
CA LYS B 352 -3.87 -20.05 25.46
C LYS B 352 -4.39 -18.65 25.20
N ARG B 353 -5.62 -18.55 24.73
CA ARG B 353 -6.22 -17.24 24.45
C ARG B 353 -6.44 -16.44 25.72
N LYS B 354 -5.94 -15.22 25.74
CA LYS B 354 -6.12 -14.34 26.88
C LYS B 354 -7.52 -13.75 26.70
N LYS B 355 -8.38 -13.96 27.69
CA LYS B 355 -9.73 -13.39 27.65
C LYS B 355 -9.62 -12.01 28.27
N LEU B 356 -10.04 -10.98 27.55
CA LEU B 356 -9.96 -9.63 28.08
C LEU B 356 -11.30 -8.99 28.40
N GLU B 357 -12.16 -8.92 27.50
PG GTP C . 4.46 5.55 0.71
O1G GTP C . 4.56 5.55 2.25
O2G GTP C . 3.96 4.19 0.18
O3G GTP C . 5.83 5.79 0.07
O3B GTP C . 3.44 6.80 0.31
PB GTP C . 2.42 7.00 -0.95
O1B GTP C . 2.81 6.24 -2.14
O2B GTP C . 2.28 8.51 -1.09
O3A GTP C . 1.05 6.45 -0.51
PA GTP C . -0.22 6.10 -1.31
O1A GTP C . -0.26 4.64 -1.60
O2A GTP C . -0.42 7.04 -2.41
O5' GTP C . -1.30 6.32 -0.11
C5' GTP C . -1.64 7.61 0.41
C4' GTP C . -3.13 7.70 0.62
O4' GTP C . -3.79 7.57 -0.66
C3' GTP C . -3.69 6.54 1.48
O3' GTP C . -3.66 6.90 2.84
C2' GTP C . -5.13 6.42 0.98
O2' GTP C . -5.93 7.43 1.60
C1' GTP C . -5.00 6.82 -0.51
N9 GTP C . -4.99 5.70 -1.45
C8 GTP C . -4.16 4.57 -1.41
N7 GTP C . -4.19 3.85 -2.51
C5 GTP C . -5.14 4.48 -3.28
C6 GTP C . -5.62 4.21 -4.60
O6 GTP C . -5.43 3.20 -5.26
N1 GTP C . -6.55 5.17 -5.05
C2 GTP C . -6.99 6.26 -4.32
N2 GTP C . -7.97 6.96 -4.81
N3 GTP C . -6.48 6.58 -3.14
C4 GTP C . -5.55 5.70 -2.69
PG GTP D . 17.44 -32.87 18.55
O1G GTP D . 16.84 -34.09 17.81
O2G GTP D . 18.92 -32.68 18.14
O3G GTP D . 17.37 -33.07 20.06
O3B GTP D . 16.55 -31.55 18.13
PB GTP D . 15.80 -31.21 16.72
O1B GTP D . 16.50 -31.77 15.58
O2B GTP D . 15.58 -29.69 16.76
O3A GTP D . 14.40 -31.87 16.79
PA GTP D . 13.29 -32.07 15.74
O1A GTP D . 13.30 -33.48 15.27
O2A GTP D . 13.26 -30.99 14.78
O5' GTP D . 11.99 -31.99 16.75
C5' GTP D . 11.55 -30.76 17.33
C4' GTP D . 10.04 -30.66 17.23
O4' GTP D . 9.66 -30.68 15.84
C3' GTP D . 9.35 -31.86 17.86
O3' GTP D . 9.09 -31.59 19.21
C2' GTP D . 8.03 -31.97 17.06
O2' GTP D . 7.06 -31.08 17.59
C1' GTP D . 8.45 -31.40 15.69
N9 GTP D . 8.64 -32.41 14.65
C8 GTP D . 9.36 -33.60 14.75
N7 GTP D . 9.58 -34.17 13.59
C5 GTP D . 8.89 -33.39 12.69
C6 GTP D . 8.59 -33.56 11.32
O6 GTP D . 8.90 -34.52 10.61
N1 GTP D . 7.77 -32.54 10.80
C2 GTP D . 7.35 -31.42 11.50
N2 GTP D . 6.50 -30.62 10.91
N3 GTP D . 7.63 -31.23 12.77
C4 GTP D . 8.37 -32.23 13.33
#